data_3TTE
#
_entry.id   3TTE
#
_cell.length_a   109.949
_cell.length_b   118.867
_cell.length_c   130.571
_cell.angle_alpha   90.00
_cell.angle_beta   90.00
_cell.angle_gamma   90.00
#
_symmetry.space_group_name_H-M   'I 2 2 2'
#
loop_
_entity.id
_entity.type
_entity.pdbx_description
1 polymer 'Mandelate racemase/muconate lactonizing enzyme'
2 non-polymer 'MAGNESIUM ION'
3 non-polymer '(S)-MANDELIC ACID'
4 non-polymer GLYCEROL
5 non-polymer 'FORMIC ACID'
6 water water
#
_entity_poly.entity_id   1
_entity_poly.type   'polypeptide(L)'
_entity_poly.pdbx_seq_one_letter_code
;MHHHHHHSSGVDLGTENLYFQSMMTTAAITGVTARAVITPMKRPLRNAFGVIDSGPLVLIDVTTDQGVTGHSYLFAYTRL
ALKPLVHLVEDIGRELAGKALVPVDLMKAMDAKFRLLGWQGLVGMAVSGLDMAFWDALGQLAGKPVVELLGGSARPIPAY
DSYGVLDARDDERTLRTACDEHGFRAIKSKGGHGDLATDEAMIKGLRALLGPDIALMLDFNQSLDPAEATRRIARLADYD
LTWIEEPVPQENLSGHAAVRERSEIPIQAGENWWFPRGFAEAIAAGASDFIMPDLMKVGGITGWLNVAGQADAASIPMSS
HILPEASAHVLPVTPTAHFLEVLDFAGAILTEPLRVIDGKVTAKGPGLGLAWNESAVAKYQVT
;
_entity_poly.pdbx_strand_id   A,B
#
# COMPACT_ATOMS: atom_id res chain seq x y z
N MET A 23 3.76 2.22 23.74
CA MET A 23 4.29 3.55 23.97
C MET A 23 5.64 3.53 24.64
N MET A 24 5.86 2.62 25.60
CA MET A 24 7.12 2.64 26.33
C MET A 24 8.35 2.37 25.47
N THR A 25 8.32 1.31 24.69
CA THR A 25 9.41 1.05 23.77
C THR A 25 8.97 0.01 22.78
N THR A 26 9.54 0.02 21.60
CA THR A 26 9.18 -0.95 20.60
C THR A 26 9.72 -2.29 20.99
N ALA A 27 8.88 -3.30 20.98
CA ALA A 27 9.37 -4.63 21.30
C ALA A 27 10.55 -4.99 20.40
N ALA A 28 11.29 -6.02 20.79
CA ALA A 28 12.42 -6.48 20.01
C ALA A 28 12.44 -8.00 19.93
N ILE A 29 13.04 -8.52 18.86
CA ILE A 29 13.10 -9.97 18.63
C ILE A 29 14.12 -10.61 19.54
N THR A 30 13.79 -11.75 20.17
CA THR A 30 14.79 -12.43 21.02
C THR A 30 15.16 -13.81 20.50
N GLY A 31 14.45 -14.31 19.50
CA GLY A 31 14.78 -15.60 18.90
C GLY A 31 13.73 -16.06 17.92
N VAL A 32 14.03 -17.08 17.12
CA VAL A 32 13.09 -17.61 16.16
C VAL A 32 13.22 -19.12 16.07
N THR A 33 12.08 -19.80 16.04
CA THR A 33 12.00 -21.25 15.99
C THR A 33 11.09 -21.72 14.87
N ALA A 34 11.42 -22.85 14.25
CA ALA A 34 10.54 -23.41 13.25
C ALA A 34 10.58 -24.93 13.28
N ARG A 35 9.44 -25.57 13.04
CA ARG A 35 9.37 -27.03 13.06
C ARG A 35 8.55 -27.56 11.90
N ALA A 36 8.87 -28.77 11.47
CA ALA A 36 8.13 -29.40 10.39
C ALA A 36 7.03 -30.32 10.92
N VAL A 37 5.91 -30.37 10.21
CA VAL A 37 4.88 -31.35 10.52
C VAL A 37 4.25 -31.82 9.22
N ILE A 38 3.82 -33.07 9.20
CA ILE A 38 3.00 -33.54 8.10
C ILE A 38 1.63 -33.92 8.68
N THR A 39 0.64 -33.07 8.42
CA THR A 39 -0.70 -33.24 8.98
C THR A 39 -1.71 -33.88 8.04
N PRO A 40 -2.73 -34.53 8.61
CA PRO A 40 -3.81 -35.09 7.82
C PRO A 40 -4.72 -33.96 7.40
N MET A 41 -5.27 -34.07 6.21
CA MET A 41 -6.18 -33.05 5.74
C MET A 41 -7.56 -33.36 6.26
N LYS A 42 -8.32 -32.32 6.54
CA LYS A 42 -9.66 -32.51 7.02
C LYS A 42 -10.36 -33.31 5.96
N ARG A 43 -10.16 -32.95 4.69
CA ARG A 43 -10.66 -33.75 3.57
C ARG A 43 -9.62 -34.00 2.50
N PRO A 44 -9.23 -35.25 2.29
CA PRO A 44 -8.32 -35.56 1.18
C PRO A 44 -8.86 -35.04 -0.15
N LEU A 45 -8.02 -34.38 -0.93
CA LEU A 45 -8.46 -33.97 -2.24
C LEU A 45 -7.75 -34.80 -3.27
N ARG A 46 -8.52 -35.25 -4.25
CA ARG A 46 -7.98 -36.16 -5.21
C ARG A 46 -7.73 -35.55 -6.58
N ASN A 47 -6.49 -35.70 -7.02
CA ASN A 47 -6.02 -35.33 -8.34
C ASN A 47 -6.25 -36.47 -9.28
N ALA A 48 -5.69 -36.37 -10.47
CA ALA A 48 -5.87 -37.43 -11.42
C ALA A 48 -5.22 -38.74 -10.98
N PHE A 49 -3.98 -38.67 -10.50
CA PHE A 49 -3.32 -39.88 -10.07
C PHE A 49 -3.86 -40.49 -8.79
N GLY A 50 -4.00 -39.67 -7.77
CA GLY A 50 -4.36 -40.14 -6.45
C GLY A 50 -4.65 -39.02 -5.48
N VAL A 51 -5.12 -39.39 -4.30
CA VAL A 51 -5.40 -38.47 -3.21
C VAL A 51 -4.16 -37.91 -2.52
N ILE A 52 -4.29 -36.69 -2.02
CA ILE A 52 -3.30 -36.10 -1.16
C ILE A 52 -4.05 -35.94 0.13
N ASP A 53 -3.56 -36.56 1.18
CA ASP A 53 -4.23 -36.55 2.47
C ASP A 53 -3.27 -36.00 3.53
N SER A 54 -2.03 -35.78 3.10
CA SER A 54 -0.99 -35.23 3.94
C SER A 54 -0.56 -33.85 3.45
N GLY A 55 -0.52 -32.88 4.36
CA GLY A 55 -0.01 -31.55 4.05
C GLY A 55 1.23 -31.18 4.87
N PRO A 56 2.38 -31.00 4.20
CA PRO A 56 3.60 -30.65 4.91
C PRO A 56 3.64 -29.16 5.22
N LEU A 57 3.86 -28.82 6.49
CA LEU A 57 3.90 -27.43 6.92
C LEU A 57 5.16 -27.12 7.70
N VAL A 58 5.41 -25.84 7.89
CA VAL A 58 6.51 -25.36 8.71
C VAL A 58 5.86 -24.36 9.64
N LEU A 59 6.13 -24.47 10.93
CA LEU A 59 5.50 -23.58 11.90
C LEU A 59 6.55 -22.66 12.49
N ILE A 60 6.23 -21.38 12.54
CA ILE A 60 7.24 -20.39 12.84
C ILE A 60 6.87 -19.62 14.10
N ASP A 61 7.84 -19.50 15.00
CA ASP A 61 7.67 -18.75 16.24
C ASP A 61 8.76 -17.70 16.30
N VAL A 62 8.37 -16.47 16.59
CA VAL A 62 9.32 -15.38 16.76
C VAL A 62 9.17 -14.82 18.16
N THR A 63 10.03 -15.25 19.08
CA THR A 63 9.89 -14.80 20.46
C THR A 63 10.32 -13.35 20.55
N THR A 64 9.62 -12.58 21.36
CA THR A 64 9.96 -11.20 21.58
C THR A 64 10.32 -11.00 23.02
N ASP A 65 10.71 -9.79 23.35
CA ASP A 65 11.09 -9.46 24.69
C ASP A 65 9.90 -8.94 25.48
N GLN A 66 8.71 -9.11 24.95
CA GLN A 66 7.57 -8.61 25.68
C GLN A 66 6.47 -9.62 25.98
N GLY A 67 6.86 -10.86 26.14
CA GLY A 67 5.91 -11.88 26.54
C GLY A 67 5.03 -12.43 25.46
N VAL A 68 5.36 -12.10 24.22
CA VAL A 68 4.64 -12.56 23.07
C VAL A 68 5.53 -13.27 22.09
N THR A 69 5.07 -14.41 21.63
CA THR A 69 5.72 -15.10 20.54
C THR A 69 4.81 -15.04 19.32
N GLY A 70 5.33 -14.47 18.22
CA GLY A 70 4.61 -14.38 16.94
C GLY A 70 4.48 -15.73 16.27
N HIS A 71 3.32 -16.00 15.67
CA HIS A 71 3.15 -17.27 14.96
C HIS A 71 2.82 -17.09 13.46
N SER A 72 3.21 -18.06 12.65
CA SER A 72 2.84 -18.15 11.24
C SER A 72 3.23 -19.54 10.78
N TYR A 73 2.54 -20.04 9.75
CA TYR A 73 2.96 -21.26 9.12
C TYR A 73 3.13 -21.07 7.62
N LEU A 74 3.83 -22.00 6.99
CA LEU A 74 3.96 -22.09 5.55
C LEU A 74 3.50 -23.46 5.14
N PHE A 75 2.89 -23.52 3.95
CA PHE A 75 2.62 -24.78 3.32
C PHE A 75 3.80 -24.95 2.39
N ALA A 76 4.34 -26.16 2.38
CA ALA A 76 5.65 -26.43 1.83
C ALA A 76 5.58 -27.35 0.61
N TYR A 77 4.37 -27.70 0.20
CA TYR A 77 4.14 -28.45 -1.03
C TYR A 77 4.63 -29.89 -1.01
N THR A 78 5.88 -30.09 -0.60
CA THR A 78 6.48 -31.43 -0.56
C THR A 78 7.45 -31.56 0.60
N ARG A 79 7.52 -32.74 1.22
CA ARG A 79 8.35 -32.90 2.42
C ARG A 79 9.81 -32.59 2.11
N LEU A 80 10.18 -32.84 0.86
CA LEU A 80 11.52 -32.54 0.42
C LEU A 80 11.94 -31.11 0.80
N ALA A 81 10.98 -30.21 0.98
CA ALA A 81 11.29 -28.81 1.32
C ALA A 81 11.30 -28.49 2.81
N LEU A 82 10.89 -29.46 3.63
CA LEU A 82 10.74 -29.22 5.06
C LEU A 82 12.04 -28.79 5.74
N LYS A 83 13.08 -29.60 5.63
CA LYS A 83 14.33 -29.29 6.33
C LYS A 83 14.98 -28.00 5.86
N PRO A 84 15.06 -27.81 4.54
CA PRO A 84 15.68 -26.57 4.04
C PRO A 84 14.96 -25.36 4.60
N LEU A 85 13.63 -25.39 4.60
CA LEU A 85 12.85 -24.25 5.07
C LEU A 85 13.07 -24.00 6.56
N VAL A 86 13.12 -25.07 7.35
CA VAL A 86 13.42 -24.92 8.76
C VAL A 86 14.79 -24.29 8.95
N HIS A 87 15.80 -24.85 8.30
CA HIS A 87 17.14 -24.26 8.30
C HIS A 87 17.04 -22.74 7.99
N LEU A 88 16.49 -22.41 6.82
CA LEU A 88 16.45 -21.01 6.37
C LEU A 88 15.75 -20.08 7.34
N VAL A 89 14.58 -20.50 7.85
CA VAL A 89 13.88 -19.65 8.82
C VAL A 89 14.70 -19.38 10.07
N GLU A 90 15.34 -20.43 10.56
CA GLU A 90 16.08 -20.34 11.82
C GLU A 90 17.36 -19.54 11.63
N ASP A 91 18.06 -19.80 10.54
CA ASP A 91 19.23 -19.01 10.20
C ASP A 91 18.95 -17.52 10.02
N ILE A 92 17.93 -17.20 9.23
CA ILE A 92 17.55 -15.81 9.05
C ILE A 92 17.10 -15.20 10.36
N GLY A 93 16.25 -15.91 11.11
CA GLY A 93 15.80 -15.41 12.39
C GLY A 93 16.96 -15.09 13.32
N ARG A 94 17.96 -15.93 13.32
CA ARG A 94 19.04 -15.73 14.24
C ARG A 94 19.73 -14.39 14.05
N GLU A 95 19.98 -14.00 12.83
CA GLU A 95 20.65 -12.73 12.60
C GLU A 95 19.78 -11.54 12.99
N LEU A 96 18.56 -11.81 13.40
CA LEU A 96 17.59 -10.73 13.63
C LEU A 96 17.39 -10.43 15.12
N ALA A 97 17.80 -11.38 15.96
CA ALA A 97 17.70 -11.22 17.41
C ALA A 97 18.35 -9.91 17.84
N GLY A 98 17.64 -9.15 18.66
CA GLY A 98 18.14 -7.85 19.12
C GLY A 98 17.50 -6.71 18.34
N LYS A 99 17.01 -7.03 17.15
CA LYS A 99 16.47 -6.05 16.23
C LYS A 99 15.06 -5.62 16.63
N ALA A 100 14.78 -4.32 16.51
CA ALA A 100 13.44 -3.80 16.82
C ALA A 100 12.39 -4.40 15.85
N LEU A 101 11.22 -4.71 16.39
CA LEU A 101 10.15 -5.40 15.66
C LEU A 101 9.40 -4.39 14.78
N VAL A 102 10.03 -4.01 13.67
CA VAL A 102 9.47 -3.10 12.68
C VAL A 102 9.43 -3.81 11.31
N PRO A 103 8.26 -4.34 10.93
CA PRO A 103 8.16 -5.21 9.76
C PRO A 103 8.64 -4.56 8.47
N VAL A 104 8.36 -3.27 8.27
CA VAL A 104 8.90 -2.55 7.10
C VAL A 104 10.43 -2.53 7.08
N ASP A 105 11.07 -2.12 8.19
CA ASP A 105 12.53 -2.10 8.29
C ASP A 105 13.14 -3.51 8.20
N LEU A 106 12.48 -4.49 8.79
CA LEU A 106 12.94 -5.88 8.71
C LEU A 106 12.91 -6.44 7.29
N MET A 107 11.89 -6.06 6.53
CA MET A 107 11.79 -6.53 5.15
C MET A 107 12.96 -6.03 4.33
N LYS A 108 13.15 -4.73 4.40
CA LYS A 108 14.21 -4.03 3.73
C LYS A 108 15.55 -4.65 4.10
N ALA A 109 15.65 -5.19 5.32
CA ALA A 109 16.92 -5.80 5.75
C ALA A 109 17.08 -7.15 5.08
N MET A 110 16.01 -7.93 5.08
CA MET A 110 16.08 -9.25 4.47
C MET A 110 16.27 -9.13 2.94
N ASP A 111 15.77 -8.03 2.38
CA ASP A 111 15.94 -7.76 0.97
C ASP A 111 17.41 -7.49 0.61
N ALA A 112 18.07 -6.60 1.37
CA ALA A 112 19.50 -6.34 1.16
C ALA A 112 20.30 -7.62 1.36
N LYS A 113 19.87 -8.45 2.30
CA LYS A 113 20.64 -9.61 2.67
C LYS A 113 20.64 -10.68 1.59
N PHE A 114 19.57 -10.76 0.79
CA PHE A 114 19.55 -11.79 -0.27
C PHE A 114 19.59 -11.28 -1.73
N ARG A 115 19.88 -10.02 -1.91
CA ARG A 115 19.94 -9.44 -3.24
C ARG A 115 20.81 -10.23 -4.22
N LEU A 116 21.93 -10.78 -3.75
CA LEU A 116 22.85 -11.48 -4.65
C LEU A 116 22.52 -12.95 -4.82
N LEU A 117 22.21 -13.64 -3.73
CA LEU A 117 21.82 -15.06 -3.82
C LEU A 117 20.44 -15.16 -4.48
N GLY A 118 19.56 -14.22 -4.14
CA GLY A 118 18.22 -14.19 -4.71
C GLY A 118 17.17 -14.73 -3.73
N TRP A 119 16.02 -14.06 -3.63
CA TRP A 119 14.97 -14.47 -2.69
C TRP A 119 13.74 -15.13 -3.31
N GLN A 120 13.74 -15.33 -4.62
CA GLN A 120 12.75 -16.21 -5.20
C GLN A 120 12.96 -17.60 -4.60
N GLY A 121 11.90 -18.40 -4.52
CA GLY A 121 12.00 -19.79 -4.05
C GLY A 121 11.96 -19.97 -2.54
N LEU A 122 12.60 -21.03 -2.04
CA LEU A 122 12.57 -21.37 -0.61
C LEU A 122 12.94 -20.18 0.24
N VAL A 123 13.98 -19.46 -0.15
CA VAL A 123 14.34 -18.29 0.61
C VAL A 123 13.13 -17.35 0.75
N GLY A 124 12.38 -17.21 -0.34
CA GLY A 124 11.32 -16.21 -0.38
C GLY A 124 10.22 -16.57 0.60
N MET A 125 9.97 -17.87 0.70
CA MET A 125 8.98 -18.39 1.62
C MET A 125 9.40 -18.14 3.05
N ALA A 126 10.67 -18.37 3.34
CA ALA A 126 11.21 -18.06 4.67
C ALA A 126 11.01 -16.61 5.04
N VAL A 127 11.32 -15.70 4.11
CA VAL A 127 11.19 -14.27 4.40
C VAL A 127 9.72 -13.87 4.61
N SER A 128 8.82 -14.40 3.79
CA SER A 128 7.40 -14.05 3.91
C SER A 128 6.85 -14.60 5.22
N GLY A 129 7.21 -15.84 5.53
CA GLY A 129 6.79 -16.47 6.78
C GLY A 129 7.19 -15.62 7.97
N LEU A 130 8.43 -15.15 7.95
CA LEU A 130 8.90 -14.31 9.04
C LEU A 130 8.10 -13.05 9.12
N ASP A 131 7.78 -12.43 7.98
CA ASP A 131 6.99 -11.19 7.97
C ASP A 131 5.60 -11.41 8.59
N MET A 132 4.98 -12.55 8.29
CA MET A 132 3.69 -12.87 8.87
C MET A 132 3.84 -13.00 10.41
N ALA A 133 4.76 -13.85 10.85
CA ALA A 133 5.09 -13.93 12.28
C ALA A 133 5.26 -12.56 12.90
N PHE A 134 5.96 -11.64 12.23
CA PHE A 134 6.20 -10.32 12.83
C PHE A 134 4.88 -9.61 13.05
N TRP A 135 4.05 -9.58 12.01
CA TRP A 135 2.80 -8.84 12.10
C TRP A 135 1.91 -9.46 13.17
N ASP A 136 1.96 -10.78 13.26
CA ASP A 136 1.15 -11.47 14.23
C ASP A 136 1.52 -11.04 15.66
N ALA A 137 2.82 -10.98 15.94
CA ALA A 137 3.29 -10.52 17.23
C ALA A 137 2.76 -9.12 17.50
N LEU A 138 2.87 -8.23 16.51
CA LEU A 138 2.44 -6.85 16.70
C LEU A 138 0.96 -6.72 17.09
N GLY A 139 0.14 -7.60 16.53
CA GLY A 139 -1.28 -7.61 16.87
C GLY A 139 -1.53 -8.11 18.29
N GLN A 140 -1.00 -9.29 18.60
CA GLN A 140 -1.01 -9.82 19.96
C GLN A 140 -0.60 -8.75 20.97
N LEU A 141 0.60 -8.20 20.80
CA LEU A 141 1.12 -7.14 21.65
C LEU A 141 0.16 -5.96 21.79
N ALA A 142 -0.89 -5.92 20.97
CA ALA A 142 -1.84 -4.83 21.10
C ALA A 142 -3.25 -5.35 21.45
N GLY A 143 -3.36 -6.66 21.61
CA GLY A 143 -4.66 -7.32 21.77
C GLY A 143 -5.60 -7.13 20.57
N LYS A 144 -5.04 -6.89 19.39
CA LYS A 144 -5.87 -6.63 18.22
C LYS A 144 -5.63 -7.63 17.08
N PRO A 145 -6.63 -7.83 16.21
CA PRO A 145 -6.33 -8.55 14.97
C PRO A 145 -5.55 -7.62 14.03
N VAL A 146 -4.67 -8.20 13.24
CA VAL A 146 -3.85 -7.42 12.30
C VAL A 146 -4.70 -6.50 11.42
N VAL A 147 -5.88 -6.97 11.01
CA VAL A 147 -6.71 -6.17 10.11
C VAL A 147 -6.96 -4.81 10.71
N GLU A 148 -7.09 -4.74 12.03
CA GLU A 148 -7.26 -3.47 12.71
C GLU A 148 -5.97 -2.70 12.80
N LEU A 149 -4.86 -3.41 12.95
CA LEU A 149 -3.57 -2.74 12.80
C LEU A 149 -3.53 -2.07 11.42
N LEU A 150 -3.97 -2.82 10.40
CA LEU A 150 -3.94 -2.34 9.03
C LEU A 150 -4.95 -1.21 8.71
N GLY A 151 -5.75 -0.81 9.69
CA GLY A 151 -6.63 0.35 9.48
C GLY A 151 -8.01 0.00 8.93
N GLY A 152 -8.32 -1.30 8.91
CA GLY A 152 -9.63 -1.78 8.47
C GLY A 152 -10.29 -2.63 9.56
N SER A 153 -11.26 -3.45 9.20
CA SER A 153 -12.02 -4.23 10.15
C SER A 153 -12.27 -5.61 9.65
N ALA A 154 -12.61 -6.54 10.52
CA ALA A 154 -12.77 -7.91 10.07
C ALA A 154 -14.12 -8.20 9.41
N ARG A 155 -14.37 -7.57 8.28
CA ARG A 155 -15.57 -7.80 7.52
C ARG A 155 -15.56 -9.17 6.93
N PRO A 156 -16.69 -9.82 6.83
CA PRO A 156 -16.71 -11.15 6.23
C PRO A 156 -16.38 -11.06 4.76
N ILE A 157 -15.68 -12.06 4.23
CA ILE A 157 -15.16 -12.04 2.87
C ILE A 157 -15.73 -13.19 2.08
N PRO A 158 -16.29 -12.91 0.90
CA PRO A 158 -16.85 -14.00 0.10
C PRO A 158 -15.76 -14.99 -0.19
N ALA A 159 -16.11 -16.27 -0.17
CA ALA A 159 -15.10 -17.30 -0.24
C ALA A 159 -15.50 -18.32 -1.25
N TYR A 160 -14.57 -19.22 -1.57
CA TYR A 160 -14.91 -20.31 -2.47
C TYR A 160 -14.19 -21.52 -1.99
N ASP A 161 -14.68 -22.66 -2.42
CA ASP A 161 -14.23 -23.90 -1.85
C ASP A 161 -13.46 -24.63 -2.91
N SER A 162 -12.25 -25.04 -2.56
CA SER A 162 -11.30 -25.54 -3.53
C SER A 162 -11.10 -27.06 -3.49
N TYR A 163 -11.30 -27.70 -4.64
CA TYR A 163 -11.19 -29.15 -4.77
C TYR A 163 -10.15 -29.56 -5.82
N GLY A 164 -9.89 -30.87 -5.91
CA GLY A 164 -9.13 -31.45 -6.99
C GLY A 164 -10.02 -31.77 -8.18
N VAL A 165 -9.77 -32.88 -8.84
CA VAL A 165 -10.59 -33.24 -10.00
C VAL A 165 -11.98 -33.76 -9.61
N LEU A 166 -12.97 -32.87 -9.61
CA LEU A 166 -14.35 -33.24 -9.26
C LEU A 166 -15.04 -34.12 -10.29
N ASP A 167 -16.00 -34.91 -9.83
CA ASP A 167 -16.93 -35.62 -10.70
C ASP A 167 -18.34 -35.37 -10.18
N ALA A 168 -19.27 -35.07 -11.08
CA ALA A 168 -20.63 -34.69 -10.69
C ALA A 168 -21.40 -35.84 -10.01
N ARG A 169 -21.43 -37.00 -10.67
CA ARG A 169 -22.02 -38.19 -10.04
C ARG A 169 -21.28 -38.55 -8.75
N ASP A 170 -20.01 -38.94 -8.89
CA ASP A 170 -19.21 -39.42 -7.75
C ASP A 170 -18.98 -38.42 -6.61
N ASP A 171 -19.47 -37.18 -6.75
CA ASP A 171 -19.11 -36.15 -5.77
C ASP A 171 -20.28 -35.27 -5.36
N GLU A 172 -21.44 -35.56 -5.92
CA GLU A 172 -22.62 -34.78 -5.60
C GLU A 172 -22.74 -34.56 -4.10
N ARG A 173 -22.43 -35.61 -3.33
CA ARG A 173 -22.59 -35.58 -1.88
C ARG A 173 -21.83 -34.43 -1.19
N THR A 174 -20.51 -34.36 -1.42
CA THR A 174 -19.69 -33.36 -0.73
C THR A 174 -20.02 -31.95 -1.19
N LEU A 175 -20.45 -31.84 -2.44
CA LEU A 175 -20.79 -30.55 -3.02
C LEU A 175 -22.09 -29.98 -2.46
N ARG A 176 -23.11 -30.83 -2.37
CA ARG A 176 -24.37 -30.46 -1.72
C ARG A 176 -24.09 -29.84 -0.35
N THR A 177 -23.23 -30.50 0.42
CA THR A 177 -22.84 -29.99 1.75
C THR A 177 -22.23 -28.59 1.71
N ALA A 178 -21.21 -28.43 0.87
CA ALA A 178 -20.51 -27.17 0.76
C ALA A 178 -21.46 -26.01 0.48
N CYS A 179 -22.41 -26.22 -0.43
CA CYS A 179 -23.32 -25.14 -0.82
C CYS A 179 -24.45 -24.92 0.19
N ASP A 180 -24.98 -26.02 0.73
CA ASP A 180 -26.18 -25.96 1.58
C ASP A 180 -25.91 -25.64 3.06
N GLU A 181 -24.95 -26.34 3.66
CA GLU A 181 -24.57 -26.11 5.06
C GLU A 181 -23.59 -24.94 5.26
N HIS A 182 -22.45 -25.01 4.56
CA HIS A 182 -21.43 -23.98 4.73
C HIS A 182 -21.80 -22.72 3.96
N GLY A 183 -22.67 -22.90 2.96
CA GLY A 183 -23.24 -21.78 2.22
C GLY A 183 -22.32 -21.25 1.15
N PHE A 184 -21.44 -22.12 0.65
CA PHE A 184 -20.49 -21.75 -0.42
C PHE A 184 -21.23 -21.42 -1.70
N ARG A 185 -21.02 -20.22 -2.23
CA ARG A 185 -21.62 -19.86 -3.52
C ARG A 185 -20.62 -19.98 -4.70
N ALA A 186 -19.50 -20.65 -4.49
CA ALA A 186 -18.45 -20.76 -5.51
C ALA A 186 -17.59 -21.99 -5.26
N ILE A 187 -17.33 -22.75 -6.32
CA ILE A 187 -16.50 -23.95 -6.26
C ILE A 187 -15.41 -23.93 -7.34
N LYS A 188 -14.19 -24.32 -6.95
CA LYS A 188 -13.08 -24.52 -7.90
C LYS A 188 -12.74 -25.99 -8.01
N SER A 189 -12.51 -26.43 -9.24
CA SER A 189 -12.06 -27.77 -9.54
C SER A 189 -10.78 -27.64 -10.40
N LYS A 190 -10.07 -28.76 -10.60
CA LYS A 190 -8.87 -28.80 -11.45
C LYS A 190 -9.16 -29.49 -12.77
N GLY A 191 -8.31 -29.24 -13.75
CA GLY A 191 -8.39 -29.90 -15.05
C GLY A 191 -7.06 -29.79 -15.77
N GLY A 192 -6.99 -30.29 -17.01
CA GLY A 192 -5.75 -30.23 -17.78
C GLY A 192 -4.98 -31.53 -17.88
N HIS A 193 -4.96 -32.28 -16.78
CA HIS A 193 -4.35 -33.61 -16.69
C HIS A 193 -4.63 -34.52 -17.90
N GLY A 194 -5.86 -34.46 -18.43
CA GLY A 194 -6.26 -35.34 -19.52
C GLY A 194 -6.53 -34.55 -20.80
N ASP A 195 -7.47 -35.01 -21.59
CA ASP A 195 -7.80 -34.33 -22.83
C ASP A 195 -8.96 -33.36 -22.63
N LEU A 196 -9.34 -32.70 -23.72
CA LEU A 196 -10.37 -31.68 -23.67
C LEU A 196 -11.69 -32.35 -23.31
N ALA A 197 -11.95 -33.52 -23.91
CA ALA A 197 -13.18 -34.27 -23.64
C ALA A 197 -13.46 -34.41 -22.15
N THR A 198 -12.47 -34.87 -21.39
CA THR A 198 -12.60 -35.01 -19.93
C THR A 198 -12.88 -33.69 -19.21
N ASP A 199 -12.19 -32.63 -19.63
CA ASP A 199 -12.39 -31.34 -19.02
C ASP A 199 -13.83 -30.96 -19.26
N GLU A 200 -14.30 -31.18 -20.48
CA GLU A 200 -15.62 -30.67 -20.82
C GLU A 200 -16.72 -31.45 -20.10
N ALA A 201 -16.64 -32.77 -20.17
CA ALA A 201 -17.59 -33.60 -19.42
C ALA A 201 -17.59 -33.19 -17.96
N MET A 202 -16.41 -33.05 -17.35
CA MET A 202 -16.36 -32.73 -15.93
C MET A 202 -17.08 -31.43 -15.66
N ILE A 203 -16.87 -30.46 -16.53
CA ILE A 203 -17.52 -29.18 -16.38
C ILE A 203 -19.01 -29.25 -16.76
N LYS A 204 -19.36 -30.02 -17.80
CA LYS A 204 -20.77 -30.13 -18.15
C LYS A 204 -21.55 -30.71 -16.97
N GLY A 205 -21.01 -31.76 -16.37
CA GLY A 205 -21.62 -32.39 -15.20
C GLY A 205 -21.85 -31.37 -14.11
N LEU A 206 -20.77 -30.72 -13.66
CA LEU A 206 -20.83 -29.77 -12.54
C LEU A 206 -21.88 -28.68 -12.71
N ARG A 207 -21.94 -28.08 -13.89
CA ARG A 207 -22.90 -27.01 -14.13
C ARG A 207 -24.33 -27.55 -14.08
N ALA A 208 -24.56 -28.72 -14.69
CA ALA A 208 -25.86 -29.37 -14.64
C ALA A 208 -26.30 -29.63 -13.20
N LEU A 209 -25.38 -30.11 -12.38
CA LEU A 209 -25.66 -30.51 -11.00
C LEU A 209 -25.88 -29.34 -10.05
N LEU A 210 -25.10 -28.28 -10.22
CA LEU A 210 -25.10 -27.16 -9.27
C LEU A 210 -25.98 -26.00 -9.73
N GLY A 211 -26.50 -26.06 -10.95
CA GLY A 211 -27.33 -24.98 -11.46
C GLY A 211 -26.53 -23.72 -11.74
N PRO A 212 -27.18 -22.68 -12.29
CA PRO A 212 -26.55 -21.43 -12.74
C PRO A 212 -26.11 -20.44 -11.63
N ASP A 213 -26.54 -20.66 -10.39
CA ASP A 213 -26.27 -19.70 -9.32
C ASP A 213 -24.96 -19.97 -8.56
N ILE A 214 -24.28 -21.06 -8.87
CA ILE A 214 -22.97 -21.30 -8.26
C ILE A 214 -21.85 -20.92 -9.25
N ALA A 215 -20.93 -20.09 -8.81
CA ALA A 215 -19.73 -19.75 -9.59
C ALA A 215 -18.82 -20.97 -9.64
N LEU A 216 -18.39 -21.33 -10.84
CA LEU A 216 -17.41 -22.40 -11.04
C LEU A 216 -16.11 -21.85 -11.58
N MET A 217 -15.00 -22.18 -10.92
CA MET A 217 -13.67 -21.83 -11.39
C MET A 217 -12.95 -23.08 -11.81
N LEU A 218 -12.13 -22.97 -12.84
CA LEU A 218 -11.36 -24.10 -13.33
C LEU A 218 -9.87 -23.75 -13.28
N ASP A 219 -9.11 -24.60 -12.58
CA ASP A 219 -7.69 -24.40 -12.39
C ASP A 219 -6.96 -25.44 -13.22
N PHE A 220 -6.19 -24.99 -14.22
CA PHE A 220 -5.42 -25.88 -15.06
C PHE A 220 -4.07 -26.22 -14.45
N ASN A 221 -3.74 -25.59 -13.34
CA ASN A 221 -2.43 -25.81 -12.75
C ASN A 221 -1.28 -25.90 -13.77
N GLN A 222 -1.16 -24.86 -14.60
CA GLN A 222 0.03 -24.70 -15.45
C GLN A 222 0.21 -25.81 -16.43
N SER A 223 -0.82 -26.63 -16.62
CA SER A 223 -0.66 -27.87 -17.35
C SER A 223 -0.65 -27.71 -18.87
N LEU A 224 -1.10 -26.58 -19.40
CA LEU A 224 -1.23 -26.47 -20.86
C LEU A 224 -0.18 -25.54 -21.46
N ASP A 225 -0.18 -25.42 -22.79
CA ASP A 225 0.67 -24.43 -23.47
C ASP A 225 -0.29 -23.42 -24.06
N PRO A 226 0.20 -22.26 -24.54
CA PRO A 226 -0.77 -21.22 -24.86
C PRO A 226 -1.78 -21.60 -25.94
N ALA A 227 -1.36 -22.27 -27.02
CA ALA A 227 -2.30 -22.58 -28.07
C ALA A 227 -3.35 -23.58 -27.58
N GLU A 228 -2.92 -24.58 -26.80
CA GLU A 228 -3.87 -25.57 -26.24
C GLU A 228 -4.83 -24.93 -25.23
N ALA A 229 -4.30 -24.03 -24.39
CA ALA A 229 -5.15 -23.30 -23.47
C ALA A 229 -6.23 -22.55 -24.23
N THR A 230 -5.82 -21.80 -25.25
CA THR A 230 -6.82 -21.08 -26.06
C THR A 230 -7.91 -21.99 -26.61
N ARG A 231 -7.51 -23.17 -27.06
CA ARG A 231 -8.43 -24.11 -27.71
C ARG A 231 -9.46 -24.62 -26.68
N ARG A 232 -9.01 -24.96 -25.48
CA ARG A 232 -9.88 -25.54 -24.46
C ARG A 232 -10.84 -24.49 -23.93
N ILE A 233 -10.30 -23.32 -23.64
CA ILE A 233 -11.11 -22.24 -23.14
C ILE A 233 -12.26 -21.86 -24.06
N ALA A 234 -12.03 -21.79 -25.38
CA ALA A 234 -13.10 -21.50 -26.32
C ALA A 234 -14.25 -22.51 -26.14
N ARG A 235 -13.89 -23.78 -25.99
CA ARG A 235 -14.86 -24.84 -25.84
C ARG A 235 -15.64 -24.73 -24.51
N LEU A 236 -15.02 -24.19 -23.46
CA LEU A 236 -15.63 -24.20 -22.12
C LEU A 236 -16.43 -22.95 -21.81
N ALA A 237 -16.45 -22.01 -22.73
CA ALA A 237 -17.04 -20.71 -22.48
C ALA A 237 -18.55 -20.77 -22.27
N ASP A 238 -19.19 -21.74 -22.89
CA ASP A 238 -20.63 -21.90 -22.75
C ASP A 238 -21.10 -22.28 -21.32
N TYR A 239 -20.17 -22.68 -20.48
CA TYR A 239 -20.52 -23.13 -19.12
C TYR A 239 -20.47 -22.05 -18.04
N ASP A 240 -20.36 -20.79 -18.46
CA ASP A 240 -20.40 -19.67 -17.51
C ASP A 240 -19.34 -19.73 -16.41
N LEU A 241 -18.11 -20.11 -16.74
CA LEU A 241 -17.02 -20.16 -15.74
C LEU A 241 -16.63 -18.80 -15.18
N THR A 242 -16.23 -18.79 -13.91
CA THR A 242 -15.90 -17.52 -13.29
C THR A 242 -14.47 -17.09 -13.66
N TRP A 243 -13.57 -18.07 -13.73
CA TRP A 243 -12.19 -17.88 -14.23
C TRP A 243 -11.52 -19.19 -14.65
N ILE A 244 -10.45 -19.05 -15.44
CA ILE A 244 -9.56 -20.15 -15.80
C ILE A 244 -8.26 -19.79 -15.09
N GLU A 245 -7.72 -20.72 -14.30
CA GLU A 245 -6.56 -20.39 -13.49
C GLU A 245 -5.28 -21.06 -13.98
N GLU A 246 -4.21 -20.27 -14.03
CA GLU A 246 -2.90 -20.68 -14.56
C GLU A 246 -2.96 -21.66 -15.71
N PRO A 247 -3.48 -21.21 -16.86
CA PRO A 247 -3.60 -22.13 -17.98
C PRO A 247 -2.22 -22.66 -18.41
N VAL A 248 -1.15 -21.89 -18.16
CA VAL A 248 0.18 -22.29 -18.64
C VAL A 248 1.22 -22.05 -17.52
N PRO A 249 2.47 -22.46 -17.74
CA PRO A 249 3.47 -22.31 -16.67
C PRO A 249 3.51 -20.90 -16.12
N GLN A 250 3.64 -20.79 -14.81
CA GLN A 250 3.49 -19.48 -14.16
C GLN A 250 4.56 -18.47 -14.60
N GLU A 251 5.72 -18.97 -14.99
CA GLU A 251 6.81 -18.06 -15.35
C GLU A 251 6.55 -17.45 -16.72
N ASN A 252 5.69 -18.11 -17.50
CA ASN A 252 5.43 -17.73 -18.88
C ASN A 252 4.39 -16.65 -18.88
N LEU A 253 4.80 -15.42 -18.57
CA LEU A 253 3.89 -14.28 -18.47
C LEU A 253 3.40 -13.86 -19.85
N SER A 254 4.27 -13.98 -20.85
CA SER A 254 3.89 -13.60 -22.20
C SER A 254 2.89 -14.59 -22.76
N GLY A 255 3.04 -15.85 -22.36
CA GLY A 255 2.06 -16.83 -22.80
C GLY A 255 0.71 -16.63 -22.12
N HIS A 256 0.72 -16.28 -20.83
CA HIS A 256 -0.53 -15.90 -20.16
C HIS A 256 -1.17 -14.74 -20.88
N ALA A 257 -0.38 -13.69 -21.18
CA ALA A 257 -0.99 -12.50 -21.80
C ALA A 257 -1.66 -12.90 -23.12
N ALA A 258 -0.96 -13.73 -23.90
CA ALA A 258 -1.49 -14.24 -25.18
C ALA A 258 -2.79 -15.03 -25.01
N VAL A 259 -2.85 -15.90 -24.01
CA VAL A 259 -4.13 -16.57 -23.71
C VAL A 259 -5.19 -15.54 -23.31
N ARG A 260 -4.82 -14.69 -22.37
CA ARG A 260 -5.74 -13.68 -21.90
C ARG A 260 -6.34 -12.84 -23.04
N GLU A 261 -5.50 -12.50 -24.00
CA GLU A 261 -5.95 -11.65 -25.10
C GLU A 261 -7.06 -12.30 -25.93
N ARG A 262 -7.01 -13.61 -26.09
CA ARG A 262 -7.96 -14.31 -26.94
C ARG A 262 -9.11 -14.89 -26.11
N SER A 263 -9.02 -14.80 -24.78
CA SER A 263 -9.95 -15.59 -23.95
C SER A 263 -11.27 -14.86 -23.69
N GLU A 264 -12.37 -15.59 -23.85
CA GLU A 264 -13.67 -15.06 -23.44
C GLU A 264 -13.87 -15.18 -21.93
N ILE A 265 -13.02 -15.94 -21.25
CA ILE A 265 -13.19 -16.14 -19.80
C ILE A 265 -12.08 -15.45 -19.00
N PRO A 266 -12.42 -14.78 -17.88
CA PRO A 266 -11.34 -14.14 -17.14
C PRO A 266 -10.18 -15.08 -16.79
N ILE A 267 -8.95 -14.58 -16.95
CA ILE A 267 -7.78 -15.38 -16.63
C ILE A 267 -7.26 -15.01 -15.26
N GLN A 268 -7.03 -16.02 -14.44
CA GLN A 268 -6.58 -15.85 -13.07
C GLN A 268 -5.21 -16.49 -12.91
N ALA A 269 -4.34 -15.86 -12.13
CA ALA A 269 -3.00 -16.41 -11.92
C ALA A 269 -2.40 -15.69 -10.74
N GLY A 270 -1.17 -16.05 -10.35
CA GLY A 270 -0.47 -15.23 -9.33
C GLY A 270 0.02 -16.00 -8.11
N GLU A 271 -0.54 -17.19 -7.92
CA GLU A 271 -0.17 -18.00 -6.74
C GLU A 271 1.33 -18.31 -6.71
N ASN A 272 2.02 -18.12 -7.81
CA ASN A 272 3.40 -18.58 -7.90
C ASN A 272 4.42 -17.49 -8.18
N TRP A 273 3.96 -16.25 -8.19
CA TRP A 273 4.82 -15.13 -8.51
C TRP A 273 5.47 -14.59 -7.26
N TRP A 274 6.63 -13.93 -7.42
CA TRP A 274 7.50 -13.55 -6.29
C TRP A 274 7.57 -12.08 -5.95
N PHE A 275 7.05 -11.72 -4.76
CA PHE A 275 7.14 -10.36 -4.24
C PHE A 275 6.47 -9.28 -5.10
N PRO A 276 6.44 -8.05 -4.60
CA PRO A 276 5.78 -7.03 -5.36
C PRO A 276 6.34 -6.88 -6.78
N ARG A 277 7.67 -6.89 -6.95
CA ARG A 277 8.27 -6.78 -8.31
C ARG A 277 7.78 -7.87 -9.24
N GLY A 278 7.64 -9.09 -8.72
CA GLY A 278 7.12 -10.17 -9.55
C GLY A 278 5.70 -9.84 -10.06
N PHE A 279 4.93 -9.13 -9.25
CA PHE A 279 3.57 -8.77 -9.64
C PHE A 279 3.62 -7.59 -10.57
N ALA A 280 4.54 -6.68 -10.32
CA ALA A 280 4.69 -5.52 -11.17
C ALA A 280 4.99 -5.93 -12.60
N GLU A 281 5.88 -6.91 -12.79
CA GLU A 281 6.25 -7.32 -14.14
C GLU A 281 5.12 -8.09 -14.82
N ALA A 282 4.38 -8.90 -14.06
CA ALA A 282 3.23 -9.62 -14.61
C ALA A 282 2.12 -8.68 -15.06
N ILE A 283 1.90 -7.66 -14.26
CA ILE A 283 0.90 -6.66 -14.59
C ILE A 283 1.37 -5.84 -15.79
N ALA A 284 2.67 -5.59 -15.87
CA ALA A 284 3.22 -4.80 -16.96
C ALA A 284 3.07 -5.61 -18.23
N ALA A 285 3.09 -6.93 -18.10
CA ALA A 285 3.00 -7.78 -19.27
C ALA A 285 1.53 -8.04 -19.65
N GLY A 286 0.60 -7.61 -18.79
CA GLY A 286 -0.82 -7.88 -18.92
C GLY A 286 -1.12 -9.34 -18.85
N ALA A 287 -0.49 -10.06 -17.92
CA ALA A 287 -0.62 -11.51 -17.90
C ALA A 287 -2.02 -12.05 -17.60
N SER A 288 -2.79 -11.36 -16.77
CA SER A 288 -4.04 -11.94 -16.28
C SER A 288 -5.10 -10.88 -16.00
N ASP A 289 -6.36 -11.31 -15.91
CA ASP A 289 -7.46 -10.37 -15.60
C ASP A 289 -7.63 -10.21 -14.08
N PHE A 290 -7.30 -11.29 -13.37
CA PHE A 290 -7.46 -11.40 -11.93
C PHE A 290 -6.09 -11.85 -11.44
N ILE A 291 -5.72 -11.50 -10.20
CA ILE A 291 -4.57 -12.15 -9.54
C ILE A 291 -4.97 -12.77 -8.20
N MET A 292 -4.21 -13.76 -7.74
CA MET A 292 -4.36 -14.35 -6.41
C MET A 292 -3.01 -14.69 -5.76
N PRO A 293 -2.38 -13.68 -5.15
CA PRO A 293 -1.06 -13.87 -4.59
C PRO A 293 -1.12 -14.83 -3.42
N ASP A 294 -0.03 -15.57 -3.23
CA ASP A 294 0.16 -16.36 -2.03
C ASP A 294 0.94 -15.54 -1.02
N LEU A 295 0.43 -15.40 0.19
CA LEU A 295 1.19 -14.65 1.22
C LEU A 295 2.64 -15.17 1.44
N MET A 296 2.87 -16.46 1.18
CA MET A 296 4.21 -17.07 1.28
C MET A 296 5.15 -16.56 0.18
N LYS A 297 4.59 -16.26 -0.98
CA LYS A 297 5.41 -15.89 -2.16
C LYS A 297 5.42 -14.40 -2.51
N VAL A 298 4.40 -13.65 -2.07
CA VAL A 298 4.31 -12.22 -2.39
C VAL A 298 5.09 -11.37 -1.39
N GLY A 299 5.60 -12.02 -0.35
CA GLY A 299 6.37 -11.30 0.65
C GLY A 299 5.61 -10.99 1.93
N GLY A 300 4.80 -11.92 2.41
CA GLY A 300 4.04 -11.69 3.66
C GLY A 300 3.01 -10.58 3.57
N ILE A 301 2.65 -10.02 4.73
CA ILE A 301 1.62 -9.00 4.80
C ILE A 301 2.13 -7.75 4.14
N THR A 302 3.41 -7.49 4.37
CA THR A 302 4.04 -6.29 3.87
C THR A 302 4.06 -6.25 2.33
N GLY A 303 4.41 -7.37 1.71
CA GLY A 303 4.39 -7.43 0.24
C GLY A 303 2.94 -7.34 -0.27
N TRP A 304 2.07 -8.16 0.31
CA TRP A 304 0.65 -8.14 -0.06
C TRP A 304 0.12 -6.73 -0.21
N LEU A 305 0.45 -5.87 0.74
CA LEU A 305 -0.16 -4.56 0.80
C LEU A 305 0.33 -3.75 -0.37
N ASN A 306 1.60 -3.95 -0.69
CA ASN A 306 2.20 -3.27 -1.81
C ASN A 306 1.44 -3.62 -3.11
N VAL A 307 1.31 -4.92 -3.35
CA VAL A 307 0.56 -5.45 -4.48
C VAL A 307 -0.90 -5.00 -4.51
N ALA A 308 -1.55 -4.92 -3.32
CA ALA A 308 -2.91 -4.37 -3.23
C ALA A 308 -3.03 -3.02 -3.92
N GLY A 309 -2.04 -2.16 -3.70
CA GLY A 309 -2.01 -0.88 -4.38
C GLY A 309 -1.81 -0.99 -5.89
N GLN A 310 -0.97 -1.93 -6.34
CA GLN A 310 -0.74 -2.12 -7.76
C GLN A 310 -2.04 -2.58 -8.46
N ALA A 311 -2.70 -3.56 -7.87
CA ALA A 311 -3.94 -4.13 -8.37
C ALA A 311 -5.02 -3.06 -8.40
N ASP A 312 -5.01 -2.15 -7.42
CA ASP A 312 -5.98 -1.07 -7.42
C ASP A 312 -5.74 -0.21 -8.64
N ALA A 313 -4.50 0.15 -8.89
CA ALA A 313 -4.19 1.02 -10.02
C ALA A 313 -4.51 0.35 -11.34
N ALA A 314 -4.31 -0.96 -11.40
CA ALA A 314 -4.53 -1.67 -12.67
C ALA A 314 -5.97 -2.16 -12.79
N SER A 315 -6.81 -1.88 -11.80
CA SER A 315 -8.19 -2.40 -11.74
C SER A 315 -8.26 -3.91 -11.89
N ILE A 316 -7.48 -4.61 -11.08
CA ILE A 316 -7.47 -6.06 -11.11
C ILE A 316 -8.01 -6.64 -9.80
N PRO A 317 -9.17 -7.32 -9.85
CA PRO A 317 -9.76 -8.01 -8.68
C PRO A 317 -8.74 -8.94 -8.07
N MET A 318 -8.49 -8.80 -6.77
CA MET A 318 -7.41 -9.53 -6.10
C MET A 318 -7.95 -10.54 -5.10
N SER A 319 -7.61 -11.82 -5.28
CA SER A 319 -8.00 -12.93 -4.38
C SER A 319 -6.79 -13.45 -3.68
N SER A 320 -6.99 -14.47 -2.85
CA SER A 320 -5.88 -15.04 -2.12
C SER A 320 -5.70 -16.47 -2.53
N HIS A 321 -4.50 -17.00 -2.33
CA HIS A 321 -4.21 -18.41 -2.53
C HIS A 321 -3.86 -19.00 -1.17
N ILE A 322 -4.66 -19.97 -0.75
CA ILE A 322 -4.52 -20.61 0.56
C ILE A 322 -4.11 -19.66 1.69
N LEU A 323 -3.40 -20.18 2.69
CA LEU A 323 -3.21 -19.43 3.93
C LEU A 323 -4.46 -18.62 4.29
N PRO A 324 -5.60 -19.30 4.34
CA PRO A 324 -6.88 -18.62 4.51
C PRO A 324 -6.96 -17.80 5.81
N GLU A 325 -6.30 -18.29 6.87
CA GLU A 325 -6.38 -17.61 8.16
C GLU A 325 -5.80 -16.18 8.10
N ALA A 326 -4.59 -16.05 7.56
CA ALA A 326 -3.99 -14.71 7.45
C ALA A 326 -4.59 -13.92 6.29
N SER A 327 -4.89 -14.59 5.18
CA SER A 327 -5.51 -13.85 4.07
C SER A 327 -6.68 -13.02 4.58
N ALA A 328 -7.49 -13.62 5.46
CA ALA A 328 -8.69 -12.92 5.97
C ALA A 328 -8.37 -11.61 6.65
N HIS A 329 -7.11 -11.43 7.08
CA HIS A 329 -6.69 -10.15 7.64
C HIS A 329 -6.28 -9.07 6.63
N VAL A 330 -5.89 -9.46 5.42
CA VAL A 330 -5.45 -8.44 4.43
C VAL A 330 -6.52 -8.09 3.38
N LEU A 331 -7.34 -9.06 3.05
CA LEU A 331 -8.44 -8.83 2.09
C LEU A 331 -9.36 -7.68 2.48
N PRO A 332 -9.67 -7.53 3.78
CA PRO A 332 -10.52 -6.37 4.14
C PRO A 332 -9.87 -5.00 3.90
N VAL A 333 -8.57 -4.95 3.67
CA VAL A 333 -7.98 -3.65 3.29
C VAL A 333 -7.42 -3.64 1.87
N THR A 334 -7.82 -4.61 1.07
CA THR A 334 -7.43 -4.71 -0.31
C THR A 334 -8.50 -4.02 -1.17
N PRO A 335 -8.18 -2.86 -1.74
CA PRO A 335 -9.18 -2.08 -2.46
C PRO A 335 -9.97 -2.88 -3.52
N THR A 336 -9.32 -3.86 -4.16
CA THR A 336 -9.99 -4.72 -5.16
C THR A 336 -10.25 -6.16 -4.70
N ALA A 337 -10.35 -6.35 -3.39
CA ALA A 337 -10.67 -7.66 -2.83
C ALA A 337 -11.72 -8.43 -3.60
N HIS A 338 -11.46 -9.71 -3.83
CA HIS A 338 -12.32 -10.53 -4.64
C HIS A 338 -12.79 -11.74 -3.84
N PHE A 339 -12.11 -12.88 -3.96
CA PHE A 339 -12.42 -14.08 -3.17
C PHE A 339 -11.29 -14.47 -2.21
N LEU A 340 -11.66 -15.16 -1.14
CA LEU A 340 -10.71 -15.84 -0.25
C LEU A 340 -10.79 -17.32 -0.58
N GLU A 341 -9.66 -17.94 -0.90
CA GLU A 341 -9.69 -19.35 -1.22
C GLU A 341 -9.74 -20.17 0.06
N VAL A 342 -10.65 -21.12 0.11
CA VAL A 342 -10.70 -22.02 1.24
C VAL A 342 -10.19 -23.40 0.85
N LEU A 343 -9.06 -23.74 1.44
CA LEU A 343 -8.47 -25.07 1.37
C LEU A 343 -7.73 -25.13 2.70
N ASP A 344 -8.02 -26.15 3.50
CA ASP A 344 -7.60 -26.16 4.90
C ASP A 344 -6.52 -27.18 5.12
N PHE A 345 -5.32 -26.70 5.46
CA PHE A 345 -4.18 -27.58 5.68
C PHE A 345 -3.76 -27.54 7.13
N ALA A 346 -3.96 -26.38 7.75
CA ALA A 346 -3.43 -26.11 9.08
C ALA A 346 -4.42 -26.39 10.23
N GLY A 347 -5.65 -26.79 9.90
CA GLY A 347 -6.66 -27.08 10.93
C GLY A 347 -6.12 -27.97 12.05
N ALA A 348 -5.81 -29.22 11.71
CA ALA A 348 -5.34 -30.24 12.66
C ALA A 348 -4.19 -29.83 13.61
N ILE A 349 -3.54 -28.69 13.37
CA ILE A 349 -2.49 -28.26 14.27
C ILE A 349 -2.77 -26.86 14.81
N LEU A 350 -3.93 -26.32 14.50
CA LEU A 350 -4.29 -25.02 15.09
C LEU A 350 -5.15 -25.24 16.32
N THR A 351 -5.19 -24.23 17.19
CA THR A 351 -6.07 -24.27 18.34
C THR A 351 -7.47 -23.92 17.85
N GLU A 352 -7.54 -23.07 16.82
CA GLU A 352 -8.81 -22.59 16.31
C GLU A 352 -8.92 -22.67 14.79
N PRO A 353 -9.14 -23.88 14.26
CA PRO A 353 -9.33 -24.06 12.83
C PRO A 353 -10.15 -22.93 12.21
N LEU A 354 -10.19 -22.93 10.89
CA LEU A 354 -10.87 -21.90 10.12
C LEU A 354 -12.40 -22.11 10.14
N ARG A 355 -13.16 -21.04 10.29
CA ARG A 355 -14.61 -21.16 10.15
C ARG A 355 -15.20 -20.39 8.96
N VAL A 356 -16.01 -21.10 8.17
CA VAL A 356 -16.83 -20.51 7.10
C VAL A 356 -18.31 -20.41 7.52
N ILE A 357 -18.88 -19.21 7.44
CA ILE A 357 -20.27 -19.00 7.78
C ILE A 357 -21.01 -18.37 6.62
N ASP A 358 -21.91 -19.13 5.99
CA ASP A 358 -22.67 -18.61 4.88
CA ASP A 358 -22.66 -18.65 4.86
C ASP A 358 -21.72 -18.19 3.75
N GLY A 359 -20.84 -19.10 3.34
CA GLY A 359 -19.85 -18.87 2.29
C GLY A 359 -19.00 -17.62 2.44
N LYS A 360 -18.64 -17.27 3.67
CA LYS A 360 -17.71 -16.16 3.88
C LYS A 360 -16.80 -16.45 5.07
N VAL A 361 -15.61 -15.88 5.04
CA VAL A 361 -14.66 -16.02 6.15
C VAL A 361 -14.44 -14.66 6.77
N THR A 362 -14.33 -14.62 8.09
CA THR A 362 -14.08 -13.39 8.82
C THR A 362 -12.75 -13.53 9.56
N ALA A 363 -11.95 -12.48 9.59
CA ALA A 363 -10.67 -12.56 10.27
C ALA A 363 -10.84 -12.85 11.79
N LYS A 364 -9.89 -13.56 12.38
CA LYS A 364 -9.89 -13.85 13.83
C LYS A 364 -8.63 -13.31 14.51
N GLY A 365 -8.81 -12.51 15.55
CA GLY A 365 -7.67 -12.03 16.35
C GLY A 365 -7.44 -12.85 17.61
N PRO A 366 -6.49 -12.43 18.44
CA PRO A 366 -5.66 -11.27 18.17
C PRO A 366 -4.51 -11.66 17.24
N GLY A 367 -3.75 -10.67 16.79
CA GLY A 367 -2.81 -10.89 15.68
C GLY A 367 -3.51 -11.63 14.54
N LEU A 368 -2.85 -12.67 14.04
CA LEU A 368 -3.36 -13.42 12.90
C LEU A 368 -4.28 -14.55 13.35
N GLY A 369 -4.38 -14.73 14.66
CA GLY A 369 -5.26 -15.74 15.22
C GLY A 369 -4.68 -17.11 14.97
N LEU A 370 -3.37 -17.19 15.00
CA LEU A 370 -2.69 -18.47 14.81
C LEU A 370 -2.05 -18.96 16.12
N ALA A 371 -2.60 -20.04 16.66
CA ALA A 371 -2.06 -20.64 17.89
C ALA A 371 -1.85 -22.12 17.64
N TRP A 372 -0.80 -22.68 18.21
CA TRP A 372 -0.54 -24.10 18.00
C TRP A 372 -1.26 -24.97 19.04
N ASN A 373 -1.86 -26.05 18.55
CA ASN A 373 -2.38 -27.12 19.38
C ASN A 373 -1.19 -28.04 19.62
N GLU A 374 -0.47 -27.75 20.71
CA GLU A 374 0.87 -28.31 20.90
C GLU A 374 0.94 -29.84 20.95
N SER A 375 -0.07 -30.48 21.52
CA SER A 375 -0.09 -31.94 21.49
C SER A 375 -0.34 -32.38 20.06
N ALA A 376 -1.16 -31.58 19.35
CA ALA A 376 -1.42 -31.83 17.94
C ALA A 376 -0.10 -31.77 17.18
N VAL A 377 0.70 -30.75 17.48
CA VAL A 377 1.98 -30.57 16.80
C VAL A 377 2.91 -31.74 17.09
N ALA A 378 3.12 -32.01 18.39
CA ALA A 378 3.96 -33.10 18.85
C ALA A 378 3.59 -34.40 18.14
N LYS A 379 2.29 -34.65 18.00
CA LYS A 379 1.85 -35.84 17.28
C LYS A 379 2.36 -35.89 15.84
N TYR A 380 2.29 -34.77 15.14
CA TYR A 380 2.54 -34.75 13.68
C TYR A 380 3.94 -34.32 13.26
N GLN A 381 4.64 -33.64 14.15
CA GLN A 381 6.01 -33.16 13.89
C GLN A 381 6.86 -34.21 13.17
N VAL A 382 7.60 -33.75 12.16
CA VAL A 382 8.60 -34.58 11.49
C VAL A 382 9.95 -33.90 11.63
N THR A 383 11.01 -34.69 11.65
CA THR A 383 12.34 -34.12 11.80
C THR A 383 13.40 -35.09 11.26
N THR B 25 -12.02 -1.82 23.22
CA THR B 25 -12.62 -2.07 21.87
C THR B 25 -12.78 -0.78 21.04
N THR B 26 -12.95 -0.93 19.73
CA THR B 26 -12.86 0.17 18.75
C THR B 26 -13.50 1.51 19.13
N ALA B 27 -12.68 2.55 19.18
CA ALA B 27 -13.18 3.89 19.44
C ALA B 27 -14.19 4.30 18.38
N ALA B 28 -14.91 5.39 18.65
CA ALA B 28 -15.90 5.90 17.70
C ALA B 28 -15.82 7.40 17.69
N ILE B 29 -16.36 7.99 16.64
CA ILE B 29 -16.28 9.43 16.41
C ILE B 29 -17.49 10.08 17.06
N THR B 30 -17.31 11.25 17.66
CA THR B 30 -18.42 11.96 18.30
C THR B 30 -18.65 13.35 17.73
N GLY B 31 -17.71 13.85 16.94
CA GLY B 31 -17.90 15.19 16.36
C GLY B 31 -16.71 15.68 15.59
N VAL B 32 -16.90 16.77 14.86
CA VAL B 32 -15.83 17.32 14.05
C VAL B 32 -15.90 18.83 13.99
N THR B 33 -14.74 19.47 14.13
CA THR B 33 -14.63 20.93 14.24
C THR B 33 -13.59 21.42 13.27
N ALA B 34 -13.85 22.54 12.60
CA ALA B 34 -12.86 23.14 11.74
C ALA B 34 -12.84 24.63 11.95
N ARG B 35 -11.65 25.20 12.04
CA ARG B 35 -11.53 26.64 12.16
C ARG B 35 -10.52 27.14 11.16
N ALA B 36 -10.70 28.38 10.71
CA ALA B 36 -9.79 29.01 9.77
C ALA B 36 -8.75 29.88 10.48
N VAL B 37 -7.61 30.09 9.83
CA VAL B 37 -6.59 31.02 10.33
C VAL B 37 -5.72 31.53 9.18
N ILE B 38 -5.35 32.80 9.25
CA ILE B 38 -4.37 33.36 8.34
C ILE B 38 -3.14 33.70 9.18
N THR B 39 -2.19 32.78 9.21
CA THR B 39 -0.99 32.95 10.01
C THR B 39 0.11 33.59 9.18
N PRO B 40 1.12 34.17 9.86
CA PRO B 40 2.29 34.68 9.17
C PRO B 40 3.36 33.61 9.16
N MET B 41 4.22 33.63 8.14
CA MET B 41 5.25 32.59 8.00
C MET B 41 6.57 32.98 8.68
N LYS B 42 7.20 32.02 9.35
CA LYS B 42 8.53 32.28 9.91
C LYS B 42 9.32 33.15 8.93
N ARG B 43 9.26 32.79 7.65
CA ARG B 43 9.99 33.53 6.63
C ARG B 43 9.08 33.87 5.42
N PRO B 44 8.73 35.15 5.27
CA PRO B 44 7.89 35.59 4.16
C PRO B 44 8.39 35.09 2.80
N LEU B 45 7.49 34.91 1.84
CA LEU B 45 7.85 34.35 0.53
C LEU B 45 7.97 35.45 -0.53
N ARG B 46 8.91 35.33 -1.45
CA ARG B 46 8.99 36.31 -2.51
C ARG B 46 8.79 35.69 -3.86
N ASN B 47 7.59 35.87 -4.40
CA ASN B 47 7.18 35.37 -5.69
C ASN B 47 7.40 36.44 -6.77
N ALA B 48 7.10 36.12 -8.02
CA ALA B 48 7.32 37.08 -9.07
C ALA B 48 6.45 38.31 -8.87
N PHE B 49 5.18 38.07 -8.56
CA PHE B 49 4.16 39.11 -8.33
C PHE B 49 4.33 39.98 -7.08
N GLY B 50 4.80 39.38 -5.99
CA GLY B 50 4.92 40.07 -4.73
C GLY B 50 5.34 39.11 -3.64
N VAL B 51 4.88 39.35 -2.42
CA VAL B 51 5.18 38.46 -1.32
C VAL B 51 3.91 37.99 -0.65
N ILE B 52 3.89 36.72 -0.27
CA ILE B 52 2.74 36.13 0.41
C ILE B 52 3.18 35.59 1.77
N ASP B 53 3.30 36.49 2.74
CA ASP B 53 3.91 36.20 4.05
C ASP B 53 2.92 35.65 5.08
N SER B 54 1.74 35.24 4.61
CA SER B 54 0.73 34.62 5.47
C SER B 54 0.08 33.43 4.79
N GLY B 55 -0.21 32.39 5.56
CA GLY B 55 -0.82 31.19 5.03
C GLY B 55 -2.18 30.87 5.62
N PRO B 56 -3.17 30.64 4.76
CA PRO B 56 -4.52 30.28 5.20
C PRO B 56 -4.60 28.81 5.47
N LEU B 57 -4.93 28.44 6.70
CA LEU B 57 -5.05 27.03 7.04
C LEU B 57 -6.43 26.74 7.57
N VAL B 58 -6.72 25.44 7.70
CA VAL B 58 -7.93 24.98 8.31
C VAL B 58 -7.49 23.97 9.31
N LEU B 59 -7.93 24.16 10.56
CA LEU B 59 -7.49 23.26 11.63
C LEU B 59 -8.63 22.35 11.90
N ILE B 60 -8.32 21.08 12.05
CA ILE B 60 -9.38 20.10 12.08
C ILE B 60 -9.26 19.27 13.32
N ASP B 61 -10.36 19.21 14.07
CA ASP B 61 -10.41 18.39 15.27
C ASP B 61 -11.50 17.34 15.14
N VAL B 62 -11.17 16.12 15.50
CA VAL B 62 -12.13 15.03 15.46
C VAL B 62 -12.18 14.39 16.84
N THR B 63 -13.32 14.56 17.51
CA THR B 63 -13.44 14.13 18.90
C THR B 63 -13.92 12.71 18.97
N THR B 64 -13.27 11.89 19.80
CA THR B 64 -13.71 10.50 20.00
C THR B 64 -14.30 10.24 21.38
N ASP B 65 -14.92 9.08 21.53
CA ASP B 65 -15.53 8.72 22.78
C ASP B 65 -14.51 8.06 23.71
N GLN B 66 -13.22 8.29 23.44
CA GLN B 66 -12.20 7.66 24.28
C GLN B 66 -11.13 8.62 24.76
N GLY B 67 -11.50 9.89 24.92
CA GLY B 67 -10.61 10.89 25.48
C GLY B 67 -9.80 11.64 24.45
N VAL B 68 -9.53 10.99 23.33
CA VAL B 68 -8.64 11.53 22.31
C VAL B 68 -9.36 12.40 21.28
N THR B 69 -8.73 13.50 20.91
CA THR B 69 -9.19 14.33 19.80
C THR B 69 -8.18 14.33 18.66
N GLY B 70 -8.60 13.81 17.50
CA GLY B 70 -7.75 13.73 16.30
C GLY B 70 -7.47 15.09 15.72
N HIS B 71 -6.23 15.31 15.27
CA HIS B 71 -5.87 16.61 14.72
C HIS B 71 -5.20 16.50 13.34
N SER B 72 -5.53 17.44 12.45
CA SER B 72 -4.77 17.66 11.21
C SER B 72 -5.07 19.07 10.71
N TYR B 73 -4.31 19.54 9.73
CA TYR B 73 -4.61 20.82 9.10
C TYR B 73 -4.48 20.78 7.56
N LEU B 74 -5.13 21.71 6.88
CA LEU B 74 -5.01 21.85 5.44
C LEU B 74 -4.39 23.19 5.17
N PHE B 75 -3.48 23.26 4.21
CA PHE B 75 -3.10 24.55 3.66
C PHE B 75 -4.16 24.85 2.61
N ALA B 76 -4.64 26.08 2.57
CA ALA B 76 -5.85 26.38 1.81
C ALA B 76 -5.59 27.23 0.58
N TYR B 77 -4.33 27.60 0.35
CA TYR B 77 -3.92 28.39 -0.84
C TYR B 77 -4.36 29.85 -0.85
N THR B 78 -5.67 30.07 -0.69
CA THR B 78 -6.21 31.42 -0.77
C THR B 78 -7.27 31.56 0.29
N ARG B 79 -7.50 32.79 0.75
CA ARG B 79 -8.45 33.02 1.83
C ARG B 79 -9.87 32.66 1.38
N LEU B 80 -10.12 32.85 0.10
CA LEU B 80 -11.42 32.56 -0.46
C LEU B 80 -11.86 31.10 -0.31
N ALA B 81 -10.93 30.19 -0.04
CA ALA B 81 -11.28 28.77 0.13
C ALA B 81 -11.60 28.38 1.57
N LEU B 82 -11.26 29.27 2.51
CA LEU B 82 -11.39 28.96 3.94
C LEU B 82 -12.79 28.61 4.39
N LYS B 83 -13.75 29.47 4.06
CA LYS B 83 -15.13 29.22 4.51
C LYS B 83 -15.68 27.92 3.93
N PRO B 84 -15.57 27.74 2.60
CA PRO B 84 -16.12 26.51 2.04
C PRO B 84 -15.42 25.31 2.67
N LEU B 85 -14.11 25.40 2.85
CA LEU B 85 -13.41 24.28 3.46
C LEU B 85 -13.94 23.97 4.86
N VAL B 86 -14.14 25.01 5.66
CA VAL B 86 -14.72 24.85 7.00
C VAL B 86 -16.12 24.25 6.92
N HIS B 87 -17.00 24.86 6.11
CA HIS B 87 -18.33 24.30 5.89
C HIS B 87 -18.20 22.80 5.57
N LEU B 88 -17.38 22.47 4.54
CA LEU B 88 -17.27 21.08 4.07
C LEU B 88 -16.82 20.11 5.12
N VAL B 89 -15.71 20.43 5.79
CA VAL B 89 -15.21 19.54 6.82
C VAL B 89 -16.32 19.24 7.84
N GLU B 90 -16.97 20.30 8.31
CA GLU B 90 -17.97 20.14 9.37
C GLU B 90 -19.18 19.34 8.91
N ASP B 91 -19.68 19.64 7.71
CA ASP B 91 -20.81 18.89 7.18
C ASP B 91 -20.47 17.41 7.01
N ILE B 92 -19.36 17.13 6.36
CA ILE B 92 -18.97 15.75 6.18
C ILE B 92 -18.86 15.05 7.52
N GLY B 93 -18.15 15.68 8.47
CA GLY B 93 -17.95 15.09 9.79
C GLY B 93 -19.25 14.74 10.50
N ARG B 94 -20.21 15.66 10.43
CA ARG B 94 -21.51 15.47 11.06
C ARG B 94 -22.20 14.18 10.59
N GLU B 95 -21.88 13.72 9.39
CA GLU B 95 -22.50 12.49 8.88
C GLU B 95 -21.84 11.25 9.45
N LEU B 96 -20.66 11.42 10.04
CA LEU B 96 -19.85 10.26 10.47
C LEU B 96 -19.90 9.98 11.98
N ALA B 97 -20.48 10.92 12.73
CA ALA B 97 -20.63 10.74 14.17
C ALA B 97 -21.31 9.40 14.47
N GLY B 98 -20.79 8.67 15.46
CA GLY B 98 -21.32 7.36 15.82
C GLY B 98 -20.54 6.22 15.17
N LYS B 99 -19.88 6.53 14.06
CA LYS B 99 -19.21 5.49 13.28
C LYS B 99 -17.84 5.12 13.85
N ALA B 100 -17.51 3.83 13.80
CA ALA B 100 -16.20 3.37 14.27
C ALA B 100 -15.02 4.14 13.62
N LEU B 101 -13.95 4.35 14.38
CA LEU B 101 -12.75 5.00 13.90
C LEU B 101 -11.89 3.96 13.13
N VAL B 102 -12.28 3.69 11.89
CA VAL B 102 -11.60 2.73 11.02
C VAL B 102 -11.35 3.42 9.67
N PRO B 103 -10.14 4.00 9.49
CA PRO B 103 -9.85 4.88 8.36
C PRO B 103 -10.09 4.27 6.97
N VAL B 104 -9.86 2.97 6.81
CA VAL B 104 -10.11 2.36 5.49
C VAL B 104 -11.61 2.33 5.22
N ASP B 105 -12.39 1.90 6.22
CA ASP B 105 -13.84 1.87 6.13
C ASP B 105 -14.39 3.28 5.96
N LEU B 106 -13.84 4.23 6.70
CA LEU B 106 -14.29 5.61 6.58
C LEU B 106 -14.03 6.19 5.20
N MET B 107 -12.91 5.81 4.57
CA MET B 107 -12.56 6.37 3.25
C MET B 107 -13.53 5.84 2.19
N LYS B 108 -13.73 4.53 2.20
CA LYS B 108 -14.70 3.87 1.36
C LYS B 108 -16.06 4.58 1.48
N ALA B 109 -16.46 4.94 2.70
CA ALA B 109 -17.77 5.53 2.88
C ALA B 109 -17.79 6.92 2.28
N MET B 110 -16.69 7.66 2.43
CA MET B 110 -16.60 8.99 1.84
C MET B 110 -16.46 8.97 0.31
N ASP B 111 -15.90 7.88 -0.24
CA ASP B 111 -15.85 7.71 -1.69
C ASP B 111 -17.26 7.57 -2.28
N ALA B 112 -18.04 6.63 -1.72
CA ALA B 112 -19.45 6.46 -2.13
C ALA B 112 -20.19 7.78 -2.02
N LYS B 113 -20.07 8.45 -0.90
CA LYS B 113 -20.84 9.67 -0.70
C LYS B 113 -20.63 10.73 -1.79
N PHE B 114 -19.43 10.83 -2.35
CA PHE B 114 -19.21 11.89 -3.35
C PHE B 114 -19.03 11.39 -4.77
N ARG B 115 -19.28 10.10 -4.96
CA ARG B 115 -19.07 9.52 -6.26
C ARG B 115 -19.74 10.33 -7.36
N LEU B 116 -20.93 10.86 -7.10
CA LEU B 116 -21.70 11.58 -8.13
C LEU B 116 -21.29 13.04 -8.25
N LEU B 117 -21.19 13.74 -7.12
CA LEU B 117 -20.80 15.16 -7.18
C LEU B 117 -19.32 15.30 -7.58
N GLY B 118 -18.50 14.35 -7.16
CA GLY B 118 -17.07 14.40 -7.43
C GLY B 118 -16.28 14.88 -6.22
N TRP B 119 -15.16 14.19 -5.92
CA TRP B 119 -14.32 14.59 -4.81
C TRP B 119 -12.99 15.27 -5.16
N GLN B 120 -12.72 15.49 -6.45
CA GLN B 120 -11.66 16.40 -6.82
C GLN B 120 -12.00 17.78 -6.25
N GLY B 121 -10.99 18.56 -5.91
CA GLY B 121 -11.21 19.95 -5.52
C GLY B 121 -11.34 20.12 -4.02
N LEU B 122 -12.11 21.12 -3.59
CA LEU B 122 -12.24 21.42 -2.14
C LEU B 122 -12.80 20.20 -1.40
N VAL B 123 -13.80 19.54 -1.96
CA VAL B 123 -14.30 18.33 -1.33
C VAL B 123 -13.16 17.37 -0.96
N GLY B 124 -12.18 17.26 -1.85
CA GLY B 124 -11.15 16.22 -1.72
C GLY B 124 -10.18 16.55 -0.62
N MET B 125 -9.92 17.84 -0.49
CA MET B 125 -9.13 18.39 0.59
C MET B 125 -9.80 18.11 1.92
N ALA B 126 -11.11 18.35 2.00
CA ALA B 126 -11.85 18.03 3.24
C ALA B 126 -11.71 16.57 3.60
N VAL B 127 -11.87 15.71 2.60
CA VAL B 127 -11.83 14.27 2.83
C VAL B 127 -10.43 13.84 3.27
N SER B 128 -9.41 14.51 2.71
CA SER B 128 -8.03 14.10 3.00
C SER B 128 -7.70 14.60 4.38
N GLY B 129 -8.16 15.82 4.68
CA GLY B 129 -8.01 16.42 6.02
C GLY B 129 -8.55 15.44 7.05
N LEU B 130 -9.81 15.06 6.87
CA LEU B 130 -10.42 14.13 7.79
C LEU B 130 -9.63 12.84 7.99
N ASP B 131 -9.18 12.24 6.89
CA ASP B 131 -8.50 10.96 6.98
C ASP B 131 -7.25 11.11 7.86
N MET B 132 -6.57 12.24 7.74
CA MET B 132 -5.35 12.47 8.52
C MET B 132 -5.68 12.53 10.01
N ALA B 133 -6.79 13.19 10.35
CA ALA B 133 -7.23 13.26 11.74
C ALA B 133 -7.56 11.89 12.30
N PHE B 134 -8.17 11.02 11.49
CA PHE B 134 -8.43 9.66 11.96
C PHE B 134 -7.15 8.92 12.36
N TRP B 135 -6.12 9.03 11.53
CA TRP B 135 -4.89 8.30 11.80
C TRP B 135 -4.23 8.90 13.03
N ASP B 136 -4.23 10.23 13.08
CA ASP B 136 -3.67 10.92 14.22
C ASP B 136 -4.32 10.43 15.51
N ALA B 137 -5.65 10.56 15.58
CA ALA B 137 -6.43 9.94 16.65
C ALA B 137 -5.90 8.55 17.01
N LEU B 138 -5.92 7.61 16.06
CA LEU B 138 -5.51 6.23 16.37
C LEU B 138 -4.09 6.15 16.93
N GLY B 139 -3.24 7.10 16.57
CA GLY B 139 -1.88 7.10 17.07
C GLY B 139 -1.88 7.50 18.54
N GLN B 140 -2.54 8.62 18.82
CA GLN B 140 -2.76 9.05 20.19
C GLN B 140 -3.27 7.89 21.05
N LEU B 141 -4.36 7.26 20.64
CA LEU B 141 -4.95 6.16 21.39
C LEU B 141 -3.94 5.04 21.68
N ALA B 142 -2.88 4.92 20.89
CA ALA B 142 -1.92 3.85 21.16
C ALA B 142 -0.68 4.44 21.79
N GLY B 143 -0.67 5.76 21.94
CA GLY B 143 0.52 6.47 22.39
C GLY B 143 1.74 6.21 21.52
N LYS B 144 1.52 6.05 20.21
CA LYS B 144 2.60 5.88 19.23
C LYS B 144 2.45 6.92 18.10
N PRO B 145 3.57 7.21 17.40
CA PRO B 145 3.42 8.09 16.24
C PRO B 145 2.83 7.32 15.05
N VAL B 146 2.15 7.99 14.14
CA VAL B 146 1.52 7.27 13.03
C VAL B 146 2.50 6.30 12.37
N VAL B 147 3.68 6.79 12.04
CA VAL B 147 4.67 5.96 11.31
C VAL B 147 4.79 4.57 11.90
N GLU B 148 4.80 4.46 13.22
CA GLU B 148 4.85 3.12 13.85
C GLU B 148 3.57 2.36 13.68
N LEU B 149 2.43 3.05 13.64
CA LEU B 149 1.20 2.34 13.30
C LEU B 149 1.36 1.69 11.92
N LEU B 150 1.94 2.45 10.99
CA LEU B 150 2.14 1.97 9.61
C LEU B 150 3.22 0.90 9.48
N GLY B 151 3.77 0.44 10.62
CA GLY B 151 4.71 -0.66 10.59
C GLY B 151 6.15 -0.26 10.26
N GLY B 152 6.41 1.03 10.26
CA GLY B 152 7.77 1.52 10.06
C GLY B 152 8.29 2.22 11.31
N SER B 153 9.28 3.09 11.14
CA SER B 153 9.78 3.85 12.29
C SER B 153 10.21 5.21 11.84
N ALA B 154 10.39 6.10 12.81
CA ALA B 154 10.66 7.51 12.52
C ALA B 154 12.14 7.75 12.28
N ARG B 155 12.57 7.58 11.04
CA ARG B 155 13.95 7.90 10.71
C ARG B 155 14.02 9.28 10.07
N PRO B 156 15.22 9.86 10.02
CA PRO B 156 15.29 11.17 9.39
C PRO B 156 15.15 11.07 7.87
N ILE B 157 14.36 11.93 7.25
CA ILE B 157 14.21 11.92 5.79
C ILE B 157 14.97 13.10 5.19
N PRO B 158 15.73 12.89 4.09
CA PRO B 158 16.36 14.07 3.48
C PRO B 158 15.32 15.11 3.12
N ALA B 159 15.70 16.38 3.25
CA ALA B 159 14.75 17.48 3.10
C ALA B 159 15.31 18.55 2.20
N TYR B 160 14.44 19.34 1.60
CA TYR B 160 14.94 20.46 0.85
C TYR B 160 14.17 21.68 1.29
N ASP B 161 14.80 22.82 1.09
CA ASP B 161 14.28 24.08 1.54
C ASP B 161 13.65 24.73 0.34
N SER B 162 12.36 25.01 0.43
CA SER B 162 11.64 25.56 -0.69
C SER B 162 11.48 27.08 -0.64
N TYR B 163 11.84 27.77 -1.72
CA TYR B 163 11.77 29.24 -1.81
C TYR B 163 10.94 29.77 -2.99
N GLY B 164 10.75 31.09 -3.02
CA GLY B 164 10.19 31.78 -4.15
C GLY B 164 11.24 31.97 -5.21
N VAL B 165 11.14 33.06 -5.95
CA VAL B 165 12.16 33.47 -6.91
C VAL B 165 13.36 34.00 -6.12
N LEU B 166 14.53 33.38 -6.33
CA LEU B 166 15.72 33.76 -5.61
C LEU B 166 16.64 34.60 -6.48
N ASP B 167 17.44 35.44 -5.84
CA ASP B 167 18.51 36.18 -6.51
C ASP B 167 19.79 35.90 -5.72
N ALA B 168 20.79 35.30 -6.37
CA ALA B 168 22.01 34.90 -5.68
C ALA B 168 22.57 36.05 -4.83
N ARG B 169 22.86 37.17 -5.47
CA ARG B 169 23.34 38.35 -4.77
C ARG B 169 22.52 38.62 -3.51
N ASP B 170 21.25 39.02 -3.71
CA ASP B 170 20.37 39.44 -2.61
C ASP B 170 20.12 38.40 -1.51
N ASP B 171 20.02 37.14 -1.87
CA ASP B 171 19.61 36.10 -0.92
C ASP B 171 20.81 35.29 -0.48
N GLU B 172 21.97 35.72 -0.92
CA GLU B 172 23.23 35.07 -0.58
C GLU B 172 23.30 34.73 0.90
N ARG B 173 22.80 35.63 1.73
CA ARG B 173 22.87 35.41 3.16
C ARG B 173 21.88 34.31 3.63
N THR B 174 20.65 34.36 3.15
CA THR B 174 19.67 33.34 3.58
C THR B 174 20.11 31.94 3.16
N LEU B 175 20.71 31.83 1.98
CA LEU B 175 21.12 30.53 1.47
C LEU B 175 22.32 29.98 2.24
N ARG B 176 23.26 30.87 2.53
CA ARG B 176 24.40 30.55 3.39
C ARG B 176 23.91 29.93 4.69
N THR B 177 22.97 30.61 5.34
CA THR B 177 22.38 30.08 6.57
C THR B 177 21.86 28.66 6.33
N ALA B 178 20.94 28.53 5.37
CA ALA B 178 20.24 27.27 5.13
C ALA B 178 21.17 26.09 4.94
N CYS B 179 22.23 26.29 4.16
CA CYS B 179 23.17 25.20 3.88
C CYS B 179 24.14 24.91 5.01
N ASP B 180 24.80 25.95 5.53
CA ASP B 180 25.79 25.80 6.61
C ASP B 180 25.12 25.53 7.97
N GLU B 181 24.38 26.53 8.44
CA GLU B 181 23.64 26.41 9.69
C GLU B 181 22.64 25.23 9.74
N HIS B 182 21.63 25.23 8.87
CA HIS B 182 20.54 24.23 8.96
C HIS B 182 20.87 22.86 8.35
N GLY B 183 21.94 22.81 7.57
CA GLY B 183 22.41 21.55 7.01
C GLY B 183 21.75 21.16 5.70
N PHE B 184 21.02 22.09 5.09
CA PHE B 184 20.30 21.77 3.85
C PHE B 184 21.25 21.45 2.70
N ARG B 185 21.05 20.28 2.09
CA ARG B 185 21.88 19.84 0.97
C ARG B 185 21.16 20.14 -0.33
N ALA B 186 20.00 20.80 -0.25
CA ALA B 186 19.17 20.97 -1.43
C ALA B 186 18.22 22.12 -1.28
N ILE B 187 18.00 22.80 -2.39
CA ILE B 187 17.24 24.03 -2.42
C ILE B 187 16.32 24.08 -3.64
N LYS B 188 15.07 24.50 -3.46
CA LYS B 188 14.16 24.72 -4.58
C LYS B 188 13.82 26.20 -4.74
N SER B 189 13.79 26.65 -5.99
CA SER B 189 13.40 28.02 -6.35
C SER B 189 12.36 27.96 -7.48
N LYS B 190 11.73 29.09 -7.81
CA LYS B 190 10.71 29.16 -8.84
C LYS B 190 11.13 29.90 -10.07
N GLY B 191 10.50 29.60 -11.20
CA GLY B 191 10.87 30.20 -12.47
C GLY B 191 9.71 30.22 -13.47
N GLY B 192 9.97 30.77 -14.66
CA GLY B 192 8.96 30.76 -15.73
C GLY B 192 8.04 31.96 -15.78
N HIS B 193 8.04 32.76 -14.72
CA HIS B 193 7.25 34.00 -14.66
C HIS B 193 7.64 34.98 -15.78
N GLY B 194 8.94 35.06 -16.07
CA GLY B 194 9.42 35.96 -17.10
C GLY B 194 10.03 35.16 -18.22
N ASP B 195 10.95 35.78 -18.97
CA ASP B 195 11.53 35.10 -20.11
C ASP B 195 12.58 34.09 -19.67
N LEU B 196 13.24 33.47 -20.64
CA LEU B 196 14.22 32.43 -20.35
C LEU B 196 15.52 33.03 -19.82
N ALA B 197 15.92 34.15 -20.42
CA ALA B 197 17.11 34.89 -19.99
C ALA B 197 17.20 34.91 -18.47
N THR B 198 16.11 35.33 -17.87
CA THR B 198 15.96 35.45 -16.43
C THR B 198 16.14 34.15 -15.67
N ASP B 199 15.49 33.08 -16.15
CA ASP B 199 15.55 31.82 -15.45
C ASP B 199 16.99 31.36 -15.40
N GLU B 200 17.69 31.56 -16.52
CA GLU B 200 19.06 31.09 -16.64
C GLU B 200 20.03 31.90 -15.79
N ALA B 201 19.95 33.22 -15.90
CA ALA B 201 20.70 34.11 -15.06
C ALA B 201 20.52 33.69 -13.60
N MET B 202 19.27 33.64 -13.16
CA MET B 202 18.98 33.22 -11.78
C MET B 202 19.69 31.91 -11.42
N ILE B 203 19.57 30.90 -12.27
CA ILE B 203 20.10 29.59 -11.96
C ILE B 203 21.62 29.55 -12.05
N LYS B 204 22.14 30.25 -13.04
CA LYS B 204 23.58 30.36 -13.19
C LYS B 204 24.15 30.92 -11.91
N GLY B 205 23.46 31.93 -11.38
CA GLY B 205 23.81 32.58 -10.14
C GLY B 205 23.89 31.60 -9.00
N LEU B 206 22.74 30.98 -8.68
CA LEU B 206 22.63 30.04 -7.56
C LEU B 206 23.67 28.92 -7.61
N ARG B 207 23.95 28.41 -8.80
CA ARG B 207 24.91 27.34 -8.95
C ARG B 207 26.30 27.88 -8.63
N ALA B 208 26.60 29.05 -9.19
CA ALA B 208 27.88 29.70 -8.93
C ALA B 208 28.03 29.92 -7.43
N LEU B 209 26.99 30.45 -6.81
CA LEU B 209 27.03 30.78 -5.40
C LEU B 209 27.11 29.57 -4.48
N LEU B 210 26.32 28.54 -4.72
CA LEU B 210 26.26 27.38 -3.81
C LEU B 210 27.28 26.31 -4.16
N GLY B 211 27.89 26.40 -5.34
CA GLY B 211 28.81 25.36 -5.75
C GLY B 211 28.15 24.05 -6.16
N PRO B 212 28.94 23.11 -6.67
CA PRO B 212 28.50 21.90 -7.32
C PRO B 212 27.89 20.82 -6.40
N ASP B 213 27.89 21.05 -5.09
CA ASP B 213 27.48 19.97 -4.20
C ASP B 213 26.11 20.18 -3.58
N ILE B 214 25.48 21.32 -3.87
CA ILE B 214 24.11 21.53 -3.41
C ILE B 214 23.11 21.18 -4.52
N ALA B 215 22.17 20.30 -4.22
CA ALA B 215 21.07 19.99 -5.15
C ALA B 215 20.18 21.22 -5.39
N LEU B 216 19.93 21.51 -6.66
CA LEU B 216 19.08 22.63 -7.04
C LEU B 216 17.82 22.15 -7.81
N MET B 217 16.65 22.43 -7.26
CA MET B 217 15.39 22.13 -7.95
C MET B 217 14.76 23.39 -8.48
N LEU B 218 14.19 23.32 -9.68
CA LEU B 218 13.49 24.45 -10.22
C LEU B 218 12.01 24.10 -10.43
N ASP B 219 11.13 24.90 -9.85
CA ASP B 219 9.71 24.69 -9.96
C ASP B 219 9.16 25.77 -10.89
N PHE B 220 8.63 25.35 -12.04
CA PHE B 220 8.03 26.26 -12.99
C PHE B 220 6.58 26.61 -12.68
N ASN B 221 6.00 25.91 -11.70
CA ASN B 221 4.61 26.12 -11.31
C ASN B 221 3.63 26.25 -12.50
N GLN B 222 3.66 25.30 -13.43
CA GLN B 222 2.63 25.19 -14.48
C GLN B 222 2.62 26.36 -15.44
N SER B 223 3.68 27.15 -15.41
CA SER B 223 3.63 28.44 -16.09
C SER B 223 3.88 28.35 -17.60
N LEU B 224 4.39 27.21 -18.08
CA LEU B 224 4.79 27.09 -19.48
C LEU B 224 3.87 26.16 -20.30
N ASP B 225 3.96 26.23 -21.63
CA ASP B 225 3.38 25.16 -22.45
C ASP B 225 4.47 24.19 -22.88
N PRO B 226 4.10 22.99 -23.34
CA PRO B 226 5.11 21.94 -23.55
C PRO B 226 6.29 22.34 -24.43
N ALA B 227 6.05 22.95 -25.59
CA ALA B 227 7.15 23.36 -26.43
C ALA B 227 8.13 24.31 -25.73
N GLU B 228 7.59 25.31 -25.02
CA GLU B 228 8.43 26.29 -24.32
C GLU B 228 9.21 25.65 -23.17
N ALA B 229 8.54 24.75 -22.43
CA ALA B 229 9.22 24.03 -21.36
C ALA B 229 10.39 23.25 -21.90
N THR B 230 10.14 22.50 -22.97
CA THR B 230 11.20 21.82 -23.70
C THR B 230 12.35 22.76 -24.08
N ARG B 231 12.04 23.97 -24.53
CA ARG B 231 13.09 24.89 -25.00
C ARG B 231 13.95 25.34 -23.80
N ARG B 232 13.27 25.68 -22.71
CA ARG B 232 13.93 26.22 -21.53
C ARG B 232 14.74 25.13 -20.87
N ILE B 233 14.19 23.92 -20.80
CA ILE B 233 14.91 22.86 -20.13
C ILE B 233 16.22 22.52 -20.83
N ALA B 234 16.21 22.54 -22.16
CA ALA B 234 17.43 22.25 -22.89
C ALA B 234 18.54 23.23 -22.49
N ARG B 235 18.18 24.48 -22.22
CA ARG B 235 19.17 25.51 -21.90
C ARG B 235 19.68 25.50 -20.45
N LEU B 236 18.91 24.91 -19.55
CA LEU B 236 19.30 24.83 -18.15
C LEU B 236 20.04 23.54 -17.83
N ALA B 237 20.15 22.65 -18.81
CA ALA B 237 20.68 21.34 -18.50
C ALA B 237 22.15 21.39 -18.03
N ASP B 238 22.86 22.45 -18.41
CA ASP B 238 24.27 22.61 -18.02
C ASP B 238 24.48 22.86 -16.51
N TYR B 239 23.43 23.29 -15.83
CA TYR B 239 23.53 23.69 -14.43
C TYR B 239 23.29 22.57 -13.42
N ASP B 240 23.21 21.34 -13.91
CA ASP B 240 23.02 20.17 -13.07
C ASP B 240 21.86 20.30 -12.08
N LEU B 241 20.66 20.59 -12.58
CA LEU B 241 19.46 20.67 -11.71
C LEU B 241 18.99 19.27 -11.28
N THR B 242 18.41 19.17 -10.10
CA THR B 242 17.95 17.88 -9.62
C THR B 242 16.60 17.49 -10.26
N TRP B 243 15.79 18.50 -10.57
CA TRP B 243 14.54 18.26 -11.29
C TRP B 243 13.88 19.55 -11.72
N ILE B 244 12.98 19.43 -12.70
CA ILE B 244 12.13 20.52 -13.18
C ILE B 244 10.69 20.15 -12.78
N GLU B 245 10.04 21.04 -12.04
CA GLU B 245 8.77 20.70 -11.43
C GLU B 245 7.61 21.40 -12.14
N GLU B 246 6.56 20.63 -12.40
CA GLU B 246 5.35 21.13 -13.08
C GLU B 246 5.61 22.17 -14.16
N PRO B 247 6.32 21.78 -15.23
CA PRO B 247 6.67 22.72 -16.28
C PRO B 247 5.41 23.26 -16.99
N VAL B 248 4.33 22.49 -16.99
CA VAL B 248 3.10 22.87 -17.70
C VAL B 248 1.89 22.60 -16.78
N PRO B 249 0.67 22.96 -17.20
CA PRO B 249 -0.50 22.74 -16.33
C PRO B 249 -0.61 21.34 -15.78
N GLN B 250 -1.02 21.23 -14.54
CA GLN B 250 -0.97 19.94 -13.91
C GLN B 250 -1.95 18.94 -14.57
N GLU B 251 -3.05 19.44 -15.12
CA GLU B 251 -4.05 18.53 -15.71
C GLU B 251 -3.53 18.00 -17.04
N ASN B 252 -2.55 18.69 -17.61
CA ASN B 252 -1.98 18.31 -18.89
C ASN B 252 -0.95 17.18 -18.77
N LEU B 253 -1.43 15.94 -18.57
CA LEU B 253 -0.61 14.75 -18.44
C LEU B 253 0.14 14.41 -19.73
N SER B 254 -0.56 14.51 -20.85
CA SER B 254 0.06 14.29 -22.13
C SER B 254 1.14 15.31 -22.47
N GLY B 255 0.90 16.56 -22.11
CA GLY B 255 1.95 17.55 -22.29
C GLY B 255 3.13 17.27 -21.35
N HIS B 256 2.88 16.88 -20.11
CA HIS B 256 4.01 16.47 -19.25
C HIS B 256 4.79 15.32 -19.88
N ALA B 257 4.09 14.31 -20.39
CA ALA B 257 4.78 13.18 -21.03
C ALA B 257 5.63 13.64 -22.22
N ALA B 258 5.08 14.52 -23.06
CA ALA B 258 5.85 15.05 -24.16
C ALA B 258 7.15 15.70 -23.64
N VAL B 259 7.05 16.55 -22.64
CA VAL B 259 8.24 17.22 -22.11
C VAL B 259 9.20 16.19 -21.55
N ARG B 260 8.66 15.31 -20.72
CA ARG B 260 9.49 14.31 -20.08
C ARG B 260 10.26 13.46 -21.09
N GLU B 261 9.63 13.10 -22.21
CA GLU B 261 10.29 12.23 -23.17
CA GLU B 261 10.25 12.25 -23.20
C GLU B 261 11.46 12.96 -23.82
N ARG B 262 11.39 14.24 -23.95
CA ARG B 262 12.49 15.00 -24.50
C ARG B 262 13.49 15.61 -23.53
N SER B 263 13.25 15.49 -22.25
CA SER B 263 14.01 16.31 -21.28
C SER B 263 15.23 15.58 -20.76
N GLU B 264 16.30 16.33 -20.60
CA GLU B 264 17.55 15.81 -20.06
C GLU B 264 17.50 15.84 -18.53
N ILE B 265 16.56 16.59 -17.99
CA ILE B 265 16.43 16.74 -16.53
C ILE B 265 15.16 16.04 -16.06
N PRO B 266 15.26 15.25 -14.97
CA PRO B 266 14.07 14.60 -14.42
C PRO B 266 12.89 15.54 -14.27
N ILE B 267 11.72 15.11 -14.72
CA ILE B 267 10.50 15.91 -14.54
C ILE B 267 9.78 15.47 -13.28
N GLN B 268 9.44 16.46 -12.45
CA GLN B 268 8.77 16.24 -11.20
C GLN B 268 7.35 16.83 -11.26
N ALA B 269 6.38 16.18 -10.60
CA ALA B 269 5.00 16.67 -10.61
C ALA B 269 4.21 15.89 -9.60
N GLY B 270 2.93 16.22 -9.44
CA GLY B 270 2.09 15.41 -8.53
C GLY B 270 1.35 16.17 -7.43
N GLU B 271 1.87 17.32 -7.07
CA GLU B 271 1.31 18.07 -5.94
C GLU B 271 -0.17 18.39 -6.16
N ASN B 272 -0.60 18.40 -7.41
CA ASN B 272 -1.95 18.83 -7.75
C ASN B 272 -2.90 17.73 -8.24
N TRP B 273 -2.43 16.48 -8.25
CA TRP B 273 -3.22 15.35 -8.70
C TRP B 273 -4.11 14.80 -7.61
N TRP B 274 -5.28 14.33 -8.03
CA TRP B 274 -6.34 13.87 -7.13
C TRP B 274 -6.46 12.38 -6.89
N PHE B 275 -6.12 11.99 -5.66
CA PHE B 275 -6.38 10.64 -5.16
C PHE B 275 -5.54 9.55 -5.84
N PRO B 276 -5.58 8.34 -5.32
CA PRO B 276 -4.78 7.32 -6.00
C PRO B 276 -5.10 7.11 -7.49
N ARG B 277 -6.36 7.24 -7.92
CA ARG B 277 -6.65 7.06 -9.34
C ARG B 277 -6.06 8.18 -10.16
N GLY B 278 -6.04 9.39 -9.63
CA GLY B 278 -5.35 10.50 -10.31
C GLY B 278 -3.88 10.17 -10.56
N PHE B 279 -3.29 9.43 -9.63
CA PHE B 279 -1.88 9.09 -9.81
C PHE B 279 -1.76 7.92 -10.77
N ALA B 280 -2.74 7.04 -10.77
CA ALA B 280 -2.58 5.86 -11.61
C ALA B 280 -2.66 6.29 -13.07
N GLU B 281 -3.47 7.30 -13.35
CA GLU B 281 -3.64 7.74 -14.74
C GLU B 281 -2.42 8.52 -15.17
N ALA B 282 -1.87 9.33 -14.27
CA ALA B 282 -0.67 10.08 -14.60
C ALA B 282 0.49 9.14 -14.85
N ILE B 283 0.60 8.09 -14.05
CA ILE B 283 1.67 7.15 -14.27
C ILE B 283 1.43 6.36 -15.59
N ALA B 284 0.17 5.99 -15.86
CA ALA B 284 -0.13 5.29 -17.10
C ALA B 284 0.22 6.19 -18.29
N ALA B 285 0.13 7.49 -18.12
CA ALA B 285 0.46 8.34 -19.26
C ALA B 285 1.97 8.60 -19.34
N GLY B 286 2.73 8.11 -18.35
CA GLY B 286 4.17 8.45 -18.25
C GLY B 286 4.42 9.95 -18.12
N ALA B 287 3.64 10.62 -17.27
CA ALA B 287 3.70 12.08 -17.05
C ALA B 287 5.05 12.62 -16.51
N SER B 288 5.70 11.86 -15.62
CA SER B 288 6.87 12.40 -14.92
C SER B 288 7.82 11.32 -14.47
N ASP B 289 9.05 11.70 -14.18
CA ASP B 289 10.09 10.76 -13.67
C ASP B 289 10.03 10.59 -12.14
N PHE B 290 9.58 11.64 -11.46
CA PHE B 290 9.47 11.70 -10.02
C PHE B 290 8.01 12.10 -9.75
N ILE B 291 7.44 11.72 -8.60
CA ILE B 291 6.20 12.33 -8.11
C ILE B 291 6.32 12.94 -6.68
N MET B 292 5.42 13.87 -6.38
CA MET B 292 5.28 14.45 -5.03
C MET B 292 3.81 14.74 -4.69
N PRO B 293 3.11 13.71 -4.17
CA PRO B 293 1.72 13.87 -3.79
C PRO B 293 1.61 14.87 -2.64
N ASP B 294 0.52 15.62 -2.64
CA ASP B 294 0.13 16.42 -1.48
C ASP B 294 -0.86 15.59 -0.67
N LEU B 295 -0.56 15.31 0.60
CA LEU B 295 -1.50 14.55 1.43
C LEU B 295 -2.95 15.10 1.39
N MET B 296 -3.08 16.39 1.08
CA MET B 296 -4.39 17.02 1.00
C MET B 296 -5.15 16.52 -0.22
N LYS B 297 -4.40 16.30 -1.30
CA LYS B 297 -5.01 16.01 -2.61
C LYS B 297 -4.97 14.53 -2.98
N VAL B 298 -4.11 13.75 -2.34
CA VAL B 298 -3.89 12.33 -2.64
C VAL B 298 -4.79 11.45 -1.79
N GLY B 299 -5.53 12.07 -0.90
CA GLY B 299 -6.46 11.28 -0.09
C GLY B 299 -5.94 10.96 1.30
N GLY B 300 -5.10 11.84 1.84
CA GLY B 300 -4.56 11.66 3.19
C GLY B 300 -3.59 10.51 3.30
N ILE B 301 -3.51 9.93 4.49
CA ILE B 301 -2.55 8.88 4.73
C ILE B 301 -2.94 7.65 3.95
N THR B 302 -4.21 7.32 4.00
CA THR B 302 -4.70 6.12 3.33
C THR B 302 -4.42 6.14 1.82
N GLY B 303 -4.64 7.30 1.20
CA GLY B 303 -4.35 7.47 -0.22
C GLY B 303 -2.84 7.49 -0.49
N TRP B 304 -2.07 8.25 0.28
CA TRP B 304 -0.62 8.17 0.17
C TRP B 304 -0.11 6.73 0.04
N LEU B 305 -0.54 5.85 0.95
CA LEU B 305 -0.01 4.51 0.98
C LEU B 305 -0.33 3.70 -0.28
N ASN B 306 -1.49 3.96 -0.86
CA ASN B 306 -1.85 3.27 -2.07
C ASN B 306 -0.86 3.69 -3.15
N VAL B 307 -0.67 5.00 -3.29
CA VAL B 307 0.23 5.55 -4.29
C VAL B 307 1.70 5.13 -4.12
N ALA B 308 2.15 5.01 -2.87
CA ALA B 308 3.52 4.56 -2.61
C ALA B 308 3.69 3.19 -3.24
N GLY B 309 2.66 2.35 -3.11
CA GLY B 309 2.68 1.07 -3.78
C GLY B 309 2.78 1.20 -5.29
N GLN B 310 2.06 2.16 -5.87
CA GLN B 310 2.10 2.38 -7.31
C GLN B 310 3.48 2.89 -7.77
N ALA B 311 4.05 3.80 -7.00
CA ALA B 311 5.35 4.39 -7.33
C ALA B 311 6.48 3.37 -7.21
N ASP B 312 6.33 2.40 -6.32
CA ASP B 312 7.28 1.29 -6.26
C ASP B 312 7.22 0.47 -7.55
N ALA B 313 6.02 0.10 -8.00
CA ALA B 313 5.92 -0.70 -9.20
C ALA B 313 6.47 0.05 -10.41
N ALA B 314 6.25 1.36 -10.45
CA ALA B 314 6.69 2.13 -11.60
C ALA B 314 8.12 2.60 -11.46
N SER B 315 8.76 2.23 -10.36
CA SER B 315 10.11 2.75 -10.03
C SER B 315 10.20 4.27 -10.06
N ILE B 316 9.27 4.94 -9.41
CA ILE B 316 9.26 6.39 -9.41
C ILE B 316 9.58 6.95 -8.02
N PRO B 317 10.72 7.67 -7.89
CA PRO B 317 11.06 8.30 -6.61
C PRO B 317 9.94 9.27 -6.16
N MET B 318 9.50 9.12 -4.91
CA MET B 318 8.31 9.82 -4.42
C MET B 318 8.63 10.79 -3.27
N SER B 319 8.48 12.09 -3.53
CA SER B 319 8.66 13.14 -2.55
C SER B 319 7.29 13.57 -2.02
N SER B 320 7.31 14.49 -1.06
CA SER B 320 6.06 15.08 -0.57
C SER B 320 5.96 16.55 -0.98
N HIS B 321 4.73 17.06 -0.97
CA HIS B 321 4.45 18.45 -1.16
C HIS B 321 3.85 19.02 0.13
N ILE B 322 4.56 19.97 0.73
CA ILE B 322 4.23 20.55 2.03
C ILE B 322 3.64 19.61 3.06
N LEU B 323 2.79 20.12 3.94
CA LEU B 323 2.41 19.34 5.12
C LEU B 323 3.59 18.48 5.64
N PRO B 324 4.73 19.14 5.92
CA PRO B 324 5.96 18.46 6.35
C PRO B 324 5.69 17.58 7.57
N GLU B 325 4.92 18.09 8.53
CA GLU B 325 4.73 17.34 9.78
C GLU B 325 4.13 15.95 9.51
N ALA B 326 3.05 15.88 8.73
CA ALA B 326 2.42 14.58 8.42
C ALA B 326 3.26 13.76 7.44
N SER B 327 3.87 14.43 6.47
CA SER B 327 4.69 13.71 5.48
C SER B 327 5.77 12.90 6.18
N ALA B 328 6.44 13.53 7.14
CA ALA B 328 7.47 12.86 7.91
C ALA B 328 7.03 11.48 8.39
N HIS B 329 5.72 11.27 8.51
CA HIS B 329 5.25 9.94 8.96
C HIS B 329 5.04 8.86 7.88
N VAL B 330 4.84 9.28 6.63
CA VAL B 330 4.55 8.31 5.58
C VAL B 330 5.78 7.98 4.75
N LEU B 331 6.64 8.97 4.56
CA LEU B 331 7.83 8.81 3.72
C LEU B 331 8.71 7.65 4.21
N PRO B 332 8.79 7.44 5.53
CA PRO B 332 9.54 6.30 6.10
C PRO B 332 9.00 4.92 5.72
N VAL B 333 7.76 4.86 5.23
CA VAL B 333 7.22 3.55 4.79
C VAL B 333 6.93 3.52 3.28
N THR B 334 7.49 4.49 2.57
CA THR B 334 7.34 4.64 1.13
C THR B 334 8.56 4.01 0.45
N PRO B 335 8.38 2.86 -0.22
CA PRO B 335 9.56 2.15 -0.68
C PRO B 335 10.47 3.01 -1.57
N THR B 336 9.91 4.01 -2.27
CA THR B 336 10.74 4.89 -3.11
C THR B 336 10.94 6.31 -2.57
N ALA B 337 10.82 6.44 -1.26
CA ALA B 337 10.99 7.75 -0.61
C ALA B 337 12.20 8.52 -1.11
N HIS B 338 11.98 9.80 -1.41
CA HIS B 338 12.97 10.63 -2.03
C HIS B 338 13.25 11.83 -1.11
N PHE B 339 12.58 12.97 -1.34
CA PHE B 339 12.75 14.16 -0.48
C PHE B 339 11.50 14.53 0.28
N LEU B 340 11.68 15.17 1.44
CA LEU B 340 10.56 15.78 2.13
C LEU B 340 10.71 17.27 1.91
N GLU B 341 9.63 17.94 1.48
CA GLU B 341 9.72 19.35 1.17
C GLU B 341 9.51 20.17 2.44
N VAL B 342 10.35 21.17 2.64
CA VAL B 342 10.23 22.04 3.80
C VAL B 342 9.72 23.40 3.42
N LEU B 343 8.48 23.66 3.80
CA LEU B 343 7.87 24.97 3.75
C LEU B 343 6.95 25.02 4.96
N ASP B 344 7.20 25.95 5.87
CA ASP B 344 6.50 26.02 7.16
C ASP B 344 5.38 27.03 7.10
N PHE B 345 4.14 26.56 7.20
CA PHE B 345 2.97 27.46 7.26
C PHE B 345 2.31 27.36 8.63
N ALA B 346 2.38 26.19 9.21
CA ALA B 346 1.67 25.88 10.42
C ALA B 346 2.46 25.99 11.72
N GLY B 347 3.71 26.39 11.64
CA GLY B 347 4.52 26.45 12.83
C GLY B 347 3.96 27.41 13.83
N ALA B 348 3.49 28.54 13.37
CA ALA B 348 3.02 29.60 14.22
C ALA B 348 1.82 29.19 15.04
N ILE B 349 1.17 28.12 14.67
CA ILE B 349 0.05 27.65 15.44
C ILE B 349 0.18 26.24 15.96
N LEU B 350 1.36 25.66 15.90
CA LEU B 350 1.54 24.31 16.43
C LEU B 350 2.29 24.38 17.76
N THR B 351 1.89 23.55 18.72
CA THR B 351 2.59 23.53 19.98
C THR B 351 4.03 23.05 19.76
N GLU B 352 4.26 22.36 18.64
CA GLU B 352 5.61 21.90 18.26
C GLU B 352 5.96 22.24 16.81
N PRO B 353 6.43 23.46 16.55
CA PRO B 353 6.74 23.70 15.15
C PRO B 353 7.61 22.59 14.59
N LEU B 354 7.77 22.59 13.26
CA LEU B 354 8.57 21.56 12.59
C LEU B 354 10.03 21.76 12.92
N ARG B 355 10.76 20.66 13.15
CA ARG B 355 12.21 20.75 13.34
C ARG B 355 13.04 20.09 12.23
N VAL B 356 13.93 20.87 11.65
CA VAL B 356 14.96 20.37 10.74
C VAL B 356 16.35 20.26 11.39
N ILE B 357 16.96 19.09 11.28
CA ILE B 357 18.30 18.85 11.83
C ILE B 357 19.21 18.23 10.79
N ASP B 358 20.28 18.94 10.45
CA ASP B 358 21.23 18.43 9.49
C ASP B 358 20.51 18.13 8.15
N GLY B 359 19.67 19.07 7.71
CA GLY B 359 18.88 18.92 6.48
C GLY B 359 18.00 17.68 6.38
N LYS B 360 17.53 17.18 7.52
CA LYS B 360 16.62 16.05 7.52
C LYS B 360 15.48 16.31 8.47
N VAL B 361 14.39 15.59 8.31
CA VAL B 361 13.25 15.73 9.19
C VAL B 361 12.86 14.38 9.75
N THR B 362 12.34 14.38 10.99
CA THR B 362 11.98 13.12 11.63
C THR B 362 10.56 13.23 12.14
N ALA B 363 9.78 12.16 11.99
CA ALA B 363 8.39 12.17 12.44
C ALA B 363 8.32 12.31 13.96
N LYS B 364 7.41 13.13 14.42
CA LYS B 364 7.18 13.21 15.84
C LYS B 364 5.75 12.83 16.20
N GLY B 365 5.63 11.97 17.20
CA GLY B 365 4.34 11.53 17.74
C GLY B 365 3.94 12.15 19.08
N PRO B 366 2.91 11.62 19.74
CA PRO B 366 2.16 10.49 19.22
C PRO B 366 1.24 10.99 18.11
N GLY B 367 0.58 10.06 17.42
CA GLY B 367 -0.16 10.41 16.19
C GLY B 367 0.72 11.21 15.23
N LEU B 368 0.16 12.27 14.67
CA LEU B 368 0.89 13.10 13.71
C LEU B 368 1.68 14.20 14.40
N GLY B 369 1.66 14.19 15.73
CA GLY B 369 2.35 15.22 16.52
C GLY B 369 1.85 16.60 16.17
N LEU B 370 0.53 16.71 16.03
CA LEU B 370 -0.12 17.98 15.75
C LEU B 370 -1.07 18.30 16.90
N ALA B 371 -0.82 19.42 17.55
CA ALA B 371 -1.66 19.94 18.64
C ALA B 371 -1.56 21.45 18.53
N TRP B 372 -2.63 22.16 18.85
CA TRP B 372 -2.65 23.59 18.58
C TRP B 372 -2.14 24.42 19.75
N ASN B 373 -1.50 25.52 19.39
CA ASN B 373 -1.17 26.57 20.33
C ASN B 373 -2.35 27.52 20.32
N GLU B 374 -3.28 27.31 21.26
CA GLU B 374 -4.56 28.02 21.26
C GLU B 374 -4.45 29.55 21.31
N SER B 375 -3.61 30.09 22.19
CA SER B 375 -3.50 31.55 22.26
C SER B 375 -3.07 32.07 20.89
N ALA B 376 -2.35 31.24 20.15
CA ALA B 376 -1.92 31.60 18.81
C ALA B 376 -3.09 31.44 17.84
N VAL B 377 -3.84 30.37 18.02
CA VAL B 377 -4.97 30.10 17.13
C VAL B 377 -6.01 31.20 17.31
N ALA B 378 -6.18 31.60 18.57
CA ALA B 378 -7.09 32.68 18.95
C ALA B 378 -6.67 33.97 18.25
N LYS B 379 -5.37 34.24 18.27
CA LYS B 379 -4.85 35.47 17.68
C LYS B 379 -5.05 35.51 16.18
N TYR B 380 -4.92 34.35 15.53
CA TYR B 380 -4.89 34.34 14.07
C TYR B 380 -6.17 33.90 13.39
N GLN B 381 -7.07 33.31 14.17
CA GLN B 381 -8.38 32.91 13.66
C GLN B 381 -9.06 34.05 12.88
N VAL B 382 -9.78 33.69 11.81
CA VAL B 382 -10.66 34.63 11.11
C VAL B 382 -11.99 33.94 10.98
N THR B 383 -13.02 34.72 10.65
CA THR B 383 -14.38 34.19 10.45
C THR B 383 -15.09 34.87 9.27
#